data_5QK0
#
_entry.id   5QK0
#
_cell.length_a   49.672
_cell.length_b   60.151
_cell.length_c   79.779
_cell.angle_alpha   79.370
_cell.angle_beta   80.650
_cell.angle_gamma   75.230
#
_symmetry.space_group_name_H-M   'P 1'
#
loop_
_entity.id
_entity.type
_entity.pdbx_description
1 polymer 'ADP-sugar pyrophosphatase'
2 non-polymer 'MAGNESIUM ION'
3 non-polymer 2-(3,5-dimethyl-1H-pyrazol-4-yl)aniline
4 non-polymer 1,2-ETHANEDIOL
5 non-polymer 'CHLORIDE ION'
6 water water
#
_entity_poly.entity_id   1
_entity_poly.type   'polypeptide(L)'
_entity_poly.pdbx_seq_one_letter_code
;SMESQEPTESSQNGKQYIISEELISEGKWVKLEKTTYMDPTGKTRTWESVKRTTRKEQTADGVAVIPVLQRTLHYECIVL
VKQFRPPMGGYCIEFPAGLIDDGETPEAAALRELEEETGYKGDIAECSPAVCMDPGLSNCTIHIVTVTINGDDAENARPK
PKPGDGEFVEVISLPKNDLLQRLDALVAEEHLTVDARVYSYALALKHAN
;
_entity_poly.pdbx_strand_id   A,B,C,D
#
# COMPACT_ATOMS: atom_id res chain seq x y z
N LYS A 15 -19.80 -17.05 -39.51
CA LYS A 15 -21.25 -17.28 -39.28
C LYS A 15 -22.04 -15.96 -39.31
N GLN A 16 -21.59 -15.00 -38.51
CA GLN A 16 -22.22 -13.68 -38.43
C GLN A 16 -21.36 -12.62 -39.11
N TYR A 17 -22.01 -11.68 -39.79
CA TYR A 17 -21.32 -10.65 -40.58
C TYR A 17 -22.18 -9.41 -40.79
N ILE A 18 -21.53 -8.31 -41.18
CA ILE A 18 -22.20 -7.02 -41.40
C ILE A 18 -22.82 -7.00 -42.80
N ILE A 19 -24.07 -6.55 -42.88
CA ILE A 19 -24.79 -6.41 -44.14
C ILE A 19 -24.70 -4.97 -44.64
N SER A 20 -25.08 -4.02 -43.78
CA SER A 20 -25.04 -2.59 -44.13
C SER A 20 -24.90 -1.70 -42.89
N GLU A 21 -24.45 -0.47 -43.12
CA GLU A 21 -24.27 0.54 -42.06
C GLU A 21 -24.78 1.90 -42.54
N GLU A 22 -25.97 2.28 -42.08
CA GLU A 22 -26.62 3.54 -42.45
C GLU A 22 -26.45 4.58 -41.35
N LEU A 23 -26.13 5.81 -41.74
CA LEU A 23 -25.91 6.89 -40.77
C LEU A 23 -27.23 7.39 -40.19
N ILE A 24 -27.27 7.51 -38.86
CA ILE A 24 -28.38 8.16 -38.15
C ILE A 24 -28.02 9.64 -37.95
N SER A 25 -26.83 9.89 -37.41
CA SER A 25 -26.35 11.26 -37.18
C SER A 25 -24.82 11.29 -37.15
N GLU A 26 -24.24 12.37 -37.67
CA GLU A 26 -22.78 12.60 -37.64
C GLU A 26 -22.48 13.98 -37.07
N GLY A 27 -21.80 14.00 -35.92
CA GLY A 27 -21.27 15.24 -35.35
C GLY A 27 -19.86 15.51 -35.84
N LYS A 28 -19.21 16.49 -35.23
CA LYS A 28 -17.81 16.81 -35.54
C LYS A 28 -16.84 15.70 -35.11
N TRP A 29 -17.16 15.05 -34.00
CA TRP A 29 -16.27 14.04 -33.38
C TRP A 29 -16.83 12.61 -33.33
N VAL A 30 -18.15 12.47 -33.17
CA VAL A 30 -18.80 11.16 -33.02
C VAL A 30 -19.99 11.04 -33.98
N LYS A 31 -20.20 9.82 -34.50
CA LYS A 31 -21.36 9.51 -35.35
C LYS A 31 -22.08 8.25 -34.86
N LEU A 32 -23.40 8.22 -35.07
CA LEU A 32 -24.25 7.10 -34.71
C LEU A 32 -24.76 6.43 -35.99
N GLU A 33 -24.49 5.13 -36.13
CA GLU A 33 -24.88 4.36 -37.32
C GLU A 33 -25.88 3.25 -36.97
N LYS A 34 -26.82 3.02 -37.87
CA LYS A 34 -27.72 1.87 -37.79
C LYS A 34 -27.09 0.71 -38.55
N THR A 35 -26.52 -0.25 -37.81
CA THR A 35 -25.84 -1.42 -38.39
C THR A 35 -26.84 -2.56 -38.59
N THR A 36 -26.83 -3.15 -39.78
CA THR A 36 -27.63 -4.36 -40.07
C THR A 36 -26.68 -5.53 -40.22
N TYR A 37 -27.01 -6.65 -39.58
CA TYR A 37 -26.13 -7.82 -39.55
C TYR A 37 -26.92 -9.13 -39.59
N MET A 38 -26.22 -10.21 -39.93
CA MET A 38 -26.78 -11.55 -39.99
C MET A 38 -26.42 -12.32 -38.71
N ASP A 39 -27.43 -12.90 -38.06
CA ASP A 39 -27.24 -13.73 -36.87
C ASP A 39 -26.97 -15.19 -37.29
N PRO A 40 -26.57 -16.07 -36.34
CA PRO A 40 -26.14 -17.42 -36.75
C PRO A 40 -27.28 -18.39 -37.13
N THR A 41 -28.54 -18.02 -36.85
CA THR A 41 -29.70 -18.78 -37.33
C THR A 41 -30.12 -18.43 -38.76
N GLY A 42 -29.55 -17.36 -39.33
CA GLY A 42 -29.88 -16.89 -40.68
C GLY A 42 -30.88 -15.74 -40.73
N LYS A 43 -31.19 -15.16 -39.57
CA LYS A 43 -32.12 -14.03 -39.46
C LYS A 43 -31.36 -12.70 -39.52
N THR A 44 -32.01 -11.68 -40.09
CA THR A 44 -31.45 -10.33 -40.15
C THR A 44 -31.85 -9.54 -38.89
N ARG A 45 -30.87 -8.85 -38.30
CA ARG A 45 -31.08 -8.03 -37.10
C ARG A 45 -30.39 -6.68 -37.24
N THR A 46 -30.84 -5.70 -36.46
CA THR A 46 -30.27 -4.36 -36.46
C THR A 46 -29.56 -4.03 -35.15
N TRP A 47 -28.64 -3.06 -35.22
CA TRP A 47 -27.81 -2.67 -34.08
C TRP A 47 -27.33 -1.22 -34.23
N GLU A 48 -27.82 -0.33 -33.37
CA GLU A 48 -27.28 1.04 -33.26
C GLU A 48 -25.84 1.05 -32.75
N SER A 49 -24.90 1.47 -33.59
CA SER A 49 -23.47 1.46 -33.29
C SER A 49 -22.88 2.87 -33.32
N VAL A 50 -22.05 3.19 -32.32
CA VAL A 50 -21.37 4.48 -32.20
C VAL A 50 -19.97 4.36 -32.80
N LYS A 51 -19.53 5.40 -33.50
CA LYS A 51 -18.18 5.44 -34.11
C LYS A 51 -17.60 6.86 -34.06
N ARG A 52 -16.27 6.93 -33.98
CA ARG A 52 -15.55 8.21 -34.02
C ARG A 52 -15.31 8.62 -35.47
N THR A 53 -15.39 9.92 -35.72
CA THR A 53 -15.13 10.49 -37.06
C THR A 53 -13.63 10.74 -37.29
N THR A 54 -12.84 10.75 -36.22
CA THR A 54 -11.40 11.06 -36.28
C THR A 54 -10.51 9.92 -36.80
N ARG A 55 -11.01 8.69 -36.85
CA ARG A 55 -10.22 7.54 -37.33
C ARG A 55 -10.10 7.54 -38.85
N LYS A 56 -9.00 6.97 -39.36
CA LYS A 56 -8.76 6.87 -40.80
C LYS A 56 -7.91 5.66 -41.17
N GLU A 57 -6.58 5.80 -41.12
CA GLU A 57 -5.65 4.73 -41.51
C GLU A 57 -4.97 4.03 -40.32
N GLN A 58 -5.22 4.52 -39.10
CA GLN A 58 -4.58 3.97 -37.90
C GLN A 58 -5.17 2.61 -37.53
N THR A 59 -4.34 1.75 -36.95
CA THR A 59 -4.74 0.42 -36.49
C THR A 59 -5.75 0.48 -35.32
N ALA A 60 -5.73 1.58 -34.57
CA ALA A 60 -6.71 1.86 -33.54
C ALA A 60 -6.98 3.36 -33.45
N ASP A 61 -8.00 3.72 -32.68
CA ASP A 61 -8.36 5.13 -32.47
C ASP A 61 -7.33 5.85 -31.62
N GLY A 62 -6.95 5.24 -30.50
CA GLY A 62 -6.02 5.84 -29.56
C GLY A 62 -5.10 4.88 -28.86
N VAL A 63 -4.49 5.37 -27.78
CA VAL A 63 -3.61 4.57 -26.94
C VAL A 63 -3.92 4.83 -25.48
N ALA A 64 -3.70 3.81 -24.65
CA ALA A 64 -3.71 3.93 -23.21
C ALA A 64 -2.32 3.54 -22.73
N VAL A 65 -1.74 4.37 -21.87
CA VAL A 65 -0.38 4.15 -21.39
C VAL A 65 -0.43 3.61 -19.97
N ILE A 66 0.18 2.44 -19.75
CA ILE A 66 0.40 1.91 -18.41
C ILE A 66 1.83 2.30 -18.03
N PRO A 67 2.00 3.42 -17.28
CA PRO A 67 3.33 3.95 -17.05
C PRO A 67 3.89 3.50 -15.70
N VAL A 68 4.90 2.65 -15.74
CA VAL A 68 5.50 2.07 -14.53
C VAL A 68 6.70 2.92 -14.11
N LEU A 69 6.50 3.76 -13.10
CA LEU A 69 7.56 4.63 -12.58
C LEU A 69 8.50 3.80 -11.71
N GLN A 70 9.74 3.66 -12.17
CA GLN A 70 10.77 2.88 -11.49
C GLN A 70 11.84 3.79 -10.91
N ARG A 71 12.22 3.54 -9.66
CA ARG A 71 13.12 4.41 -8.93
C ARG A 71 13.87 3.57 -7.89
N THR A 72 15.17 3.77 -7.79
CA THR A 72 16.03 3.00 -6.88
C THR A 72 15.62 3.24 -5.44
N LEU A 73 15.41 2.15 -4.69
CA LEU A 73 14.89 2.18 -3.31
C LEU A 73 13.50 2.85 -3.21
N HIS A 74 12.69 2.64 -4.25
CA HIS A 74 11.26 2.97 -4.23
C HIS A 74 10.49 1.79 -4.77
N TYR A 75 9.31 1.54 -4.21
CA TYR A 75 8.38 0.60 -4.81
C TYR A 75 7.89 1.19 -6.12
N GLU A 76 7.66 0.34 -7.11
CA GLU A 76 7.18 0.79 -8.42
C GLU A 76 5.81 1.46 -8.29
N CYS A 77 5.63 2.58 -9.00
CA CYS A 77 4.35 3.30 -9.02
C CYS A 77 3.73 3.27 -10.41
N ILE A 78 2.41 3.18 -10.44
CA ILE A 78 1.62 3.36 -11.67
C ILE A 78 1.20 4.82 -11.71
N VAL A 79 1.53 5.50 -12.82
CA VAL A 79 1.22 6.92 -12.99
C VAL A 79 -0.16 7.04 -13.63
N LEU A 80 -1.08 7.66 -12.92
CA LEU A 80 -2.46 7.86 -13.39
C LEU A 80 -2.74 9.35 -13.52
N VAL A 81 -3.82 9.67 -14.24
CA VAL A 81 -4.23 11.05 -14.48
C VAL A 81 -5.66 11.28 -14.03
N LYS A 82 -5.92 12.44 -13.43
CA LYS A 82 -7.25 12.86 -12.99
C LYS A 82 -7.71 14.01 -13.90
N GLN A 83 -8.87 13.84 -14.52
CA GLN A 83 -9.43 14.80 -15.48
C GLN A 83 -10.93 14.91 -15.35
N PHE A 84 -11.46 16.11 -15.54
CA PHE A 84 -12.90 16.30 -15.71
C PHE A 84 -13.28 15.78 -17.09
N ARG A 85 -14.30 14.92 -17.12
CA ARG A 85 -14.77 14.29 -18.35
C ARG A 85 -16.25 14.68 -18.56
N PRO A 86 -16.53 15.57 -19.53
CA PRO A 86 -17.90 16.05 -19.77
C PRO A 86 -18.99 14.99 -19.98
N PRO A 87 -18.68 13.85 -20.65
CA PRO A 87 -19.69 12.79 -20.73
C PRO A 87 -20.08 12.19 -19.38
N MET A 88 -19.09 11.92 -18.53
CA MET A 88 -19.34 11.42 -17.17
C MET A 88 -19.94 12.46 -16.21
N GLY A 89 -19.72 13.74 -16.50
CA GLY A 89 -20.21 14.83 -15.65
C GLY A 89 -19.46 14.93 -14.33
N GLY A 90 -18.15 14.73 -14.40
CA GLY A 90 -17.30 14.69 -13.21
C GLY A 90 -15.89 14.23 -13.49
N TYR A 91 -15.10 14.13 -12.44
CA TYR A 91 -13.68 13.76 -12.55
C TYR A 91 -13.48 12.25 -12.64
N CYS A 92 -12.46 11.84 -13.39
CA CYS A 92 -12.16 10.43 -13.64
C CYS A 92 -10.68 10.13 -13.48
N ILE A 93 -10.36 8.99 -12.87
CA ILE A 93 -8.98 8.53 -12.72
C ILE A 93 -8.70 7.46 -13.77
N GLU A 94 -7.76 7.75 -14.67
CA GLU A 94 -7.50 6.91 -15.84
C GLU A 94 -6.00 6.72 -16.04
N PHE A 95 -5.67 5.75 -16.88
CA PHE A 95 -4.34 5.68 -17.50
C PHE A 95 -4.19 6.89 -18.43
N PRO A 96 -2.98 7.48 -18.51
CA PRO A 96 -2.74 8.50 -19.54
C PRO A 96 -3.08 7.97 -20.92
N ALA A 97 -3.75 8.78 -21.73
CA ALA A 97 -4.30 8.31 -22.99
C ALA A 97 -4.66 9.45 -23.95
N GLY A 98 -4.74 9.11 -25.22
CA GLY A 98 -5.18 10.05 -26.26
C GLY A 98 -5.21 9.39 -27.61
N LEU A 99 -5.78 10.08 -28.60
CA LEU A 99 -5.89 9.53 -29.96
C LEU A 99 -4.54 9.47 -30.67
N ILE A 100 -4.44 8.55 -31.61
CA ILE A 100 -3.26 8.41 -32.45
C ILE A 100 -3.42 9.41 -33.59
N ASP A 101 -2.42 10.27 -33.79
CA ASP A 101 -2.43 11.22 -34.92
C ASP A 101 -2.24 10.46 -36.24
N ASP A 102 -2.64 11.10 -37.34
CA ASP A 102 -2.49 10.51 -38.68
C ASP A 102 -1.01 10.34 -39.03
N GLY A 103 -0.60 9.10 -39.33
CA GLY A 103 0.80 8.78 -39.63
C GLY A 103 1.65 8.41 -38.43
N GLU A 104 1.13 8.66 -37.22
CA GLU A 104 1.86 8.39 -35.98
C GLU A 104 1.68 6.92 -35.59
N THR A 105 2.78 6.27 -35.21
CA THR A 105 2.75 4.87 -34.74
C THR A 105 2.21 4.83 -33.29
N PRO A 106 1.57 3.71 -32.88
CA PRO A 106 1.02 3.66 -31.50
C PRO A 106 2.02 3.95 -30.38
N GLU A 107 3.26 3.49 -30.54
CA GLU A 107 4.30 3.69 -29.53
C GLU A 107 4.69 5.16 -29.36
N ALA A 108 4.71 5.90 -30.48
CA ALA A 108 5.03 7.33 -30.46
C ALA A 108 3.88 8.13 -29.84
N ALA A 109 2.65 7.75 -30.17
CA ALA A 109 1.46 8.36 -29.56
C ALA A 109 1.44 8.19 -28.04
N ALA A 110 1.77 6.98 -27.58
CA ALA A 110 1.86 6.67 -26.15
C ALA A 110 2.90 7.53 -25.42
N LEU A 111 4.09 7.61 -25.99
CA LEU A 111 5.18 8.41 -25.40
C LEU A 111 4.89 9.91 -25.41
N ARG A 112 4.27 10.41 -26.48
CA ARG A 112 3.86 11.81 -26.58
C ARG A 112 2.79 12.16 -25.56
N GLU A 113 1.72 11.36 -25.52
CA GLU A 113 0.59 11.57 -24.59
C GLU A 113 1.01 11.47 -23.13
N LEU A 114 1.93 10.56 -22.83
CA LEU A 114 2.49 10.45 -21.48
C LEU A 114 3.23 11.72 -21.07
N GLU A 115 4.07 12.24 -21.97
CA GLU A 115 4.80 13.50 -21.70
C GLU A 115 3.86 14.70 -21.57
N GLU A 116 2.89 14.81 -22.47
CA GLU A 116 1.93 15.93 -22.46
C GLU A 116 1.08 15.97 -21.19
N GLU A 117 0.61 14.81 -20.73
CA GLU A 117 -0.30 14.74 -19.59
C GLU A 117 0.37 14.63 -18.22
N THR A 118 1.55 13.99 -18.17
CA THR A 118 2.27 13.79 -16.91
C THR A 118 3.58 14.58 -16.79
N GLY A 119 4.29 14.76 -17.92
CA GLY A 119 5.62 15.36 -17.94
C GLY A 119 6.75 14.34 -18.02
N TYR A 120 6.45 13.06 -17.82
CA TYR A 120 7.46 12.00 -17.80
C TYR A 120 7.89 11.60 -19.21
N LYS A 121 9.19 11.36 -19.38
CA LYS A 121 9.74 10.77 -20.59
C LYS A 121 9.96 9.28 -20.36
N GLY A 122 9.11 8.47 -20.97
CA GLY A 122 9.14 7.01 -20.79
C GLY A 122 9.94 6.27 -21.83
N ASP A 123 10.11 4.96 -21.59
CA ASP A 123 10.75 4.03 -22.52
C ASP A 123 9.78 2.91 -22.81
N ILE A 124 9.61 2.56 -24.09
CA ILE A 124 8.65 1.53 -24.50
C ILE A 124 9.06 0.16 -23.95
N ALA A 125 8.10 -0.56 -23.38
CA ALA A 125 8.30 -1.93 -22.89
C ALA A 125 7.61 -2.91 -23.82
N GLU A 126 6.31 -2.71 -24.04
CA GLU A 126 5.53 -3.55 -24.96
C GLU A 126 4.25 -2.83 -25.42
N CYS A 127 3.74 -3.28 -26.56
CA CYS A 127 2.58 -2.66 -27.19
C CYS A 127 1.59 -3.77 -27.58
N SER A 128 0.35 -3.64 -27.09
CA SER A 128 -0.69 -4.63 -27.36
C SER A 128 -1.22 -4.51 -28.79
N PRO A 129 -1.91 -5.55 -29.28
CA PRO A 129 -2.74 -5.35 -30.48
C PRO A 129 -3.94 -4.44 -30.18
N ALA A 130 -4.68 -4.10 -31.24
CA ALA A 130 -5.89 -3.29 -31.09
C ALA A 130 -6.92 -4.02 -30.23
N VAL A 131 -7.35 -3.37 -29.14
CA VAL A 131 -8.32 -3.95 -28.18
C VAL A 131 -9.54 -3.04 -28.06
N CYS A 132 -10.73 -3.64 -27.94
CA CYS A 132 -11.98 -2.90 -28.01
C CYS A 132 -12.38 -2.27 -26.66
N MET A 133 -12.92 -1.05 -26.74
CA MET A 133 -13.24 -0.25 -25.56
C MET A 133 -14.61 -0.56 -24.94
N ASP A 134 -15.61 -0.77 -25.80
CA ASP A 134 -16.96 -1.07 -25.34
C ASP A 134 -17.71 -1.66 -26.55
N PRO A 135 -17.41 -2.92 -26.90
CA PRO A 135 -17.78 -3.49 -28.20
C PRO A 135 -19.29 -3.68 -28.45
N GLY A 136 -20.07 -3.76 -27.37
CA GLY A 136 -21.54 -3.72 -27.48
C GLY A 136 -22.08 -2.37 -27.93
N LEU A 137 -21.36 -1.30 -27.60
CA LEU A 137 -21.76 0.08 -27.92
C LEU A 137 -21.07 0.61 -29.18
N SER A 138 -19.74 0.55 -29.21
CA SER A 138 -18.95 1.23 -30.25
C SER A 138 -17.87 0.36 -30.89
N ASN A 139 -17.31 0.87 -32.00
CA ASN A 139 -16.16 0.25 -32.68
C ASN A 139 -14.81 0.71 -32.11
N CYS A 140 -14.83 1.57 -31.10
CA CYS A 140 -13.62 2.22 -30.60
C CYS A 140 -12.60 1.22 -30.08
N THR A 141 -11.36 1.38 -30.51
CA THR A 141 -10.26 0.52 -30.11
C THR A 141 -9.06 1.35 -29.67
N ILE A 142 -8.18 0.71 -28.90
CA ILE A 142 -6.91 1.30 -28.49
C ILE A 142 -5.80 0.26 -28.53
N HIS A 143 -4.56 0.74 -28.51
CA HIS A 143 -3.41 -0.09 -28.16
C HIS A 143 -3.04 0.23 -26.73
N ILE A 144 -2.90 -0.80 -25.90
CA ILE A 144 -2.43 -0.64 -24.53
C ILE A 144 -0.90 -0.74 -24.57
N VAL A 145 -0.23 0.39 -24.31
CA VAL A 145 1.22 0.47 -24.41
C VAL A 145 1.81 0.55 -22.99
N THR A 146 2.53 -0.50 -22.58
CA THR A 146 3.25 -0.50 -21.31
C THR A 146 4.55 0.26 -21.50
N VAL A 147 4.82 1.21 -20.61
CA VAL A 147 5.98 2.09 -20.70
C VAL A 147 6.64 2.18 -19.31
N THR A 148 7.97 2.00 -19.26
CA THR A 148 8.73 2.22 -18.02
C THR A 148 9.24 3.65 -18.00
N ILE A 149 9.26 4.25 -16.80
CA ILE A 149 9.78 5.59 -16.61
C ILE A 149 10.94 5.47 -15.62
N ASN A 150 12.13 5.90 -16.05
CA ASN A 150 13.30 5.98 -15.18
C ASN A 150 13.19 7.27 -14.37
N GLY A 151 12.67 7.15 -13.15
CA GLY A 151 12.54 8.29 -12.24
C GLY A 151 13.86 8.83 -11.69
N ASP A 152 14.93 8.04 -11.80
CA ASP A 152 16.29 8.48 -11.42
C ASP A 152 16.97 9.37 -12.47
N ASP A 153 16.44 9.38 -13.70
CA ASP A 153 16.97 10.23 -14.76
C ASP A 153 16.63 11.70 -14.49
N ALA A 154 17.54 12.60 -14.88
CA ALA A 154 17.40 14.04 -14.65
C ALA A 154 16.21 14.66 -15.38
N GLU A 155 15.90 14.15 -16.57
CA GLU A 155 14.74 14.60 -17.35
C GLU A 155 13.40 14.31 -16.65
N ASN A 156 13.35 13.25 -15.84
CA ASN A 156 12.17 12.87 -15.05
C ASN A 156 12.23 13.32 -13.58
N ALA A 157 13.10 14.28 -13.26
CA ALA A 157 13.23 14.79 -11.88
C ALA A 157 12.08 15.74 -11.56
N ARG A 158 11.91 16.75 -12.41
CA ARG A 158 10.83 17.72 -12.30
C ARG A 158 9.91 17.58 -13.51
N PRO A 159 8.98 16.60 -13.48
CA PRO A 159 8.06 16.41 -14.61
C PRO A 159 7.02 17.53 -14.69
N LYS A 160 7.09 18.32 -15.76
CA LYS A 160 6.14 19.40 -16.04
C LYS A 160 5.19 18.94 -17.15
N PRO A 161 3.90 18.78 -16.84
CA PRO A 161 2.93 18.47 -17.90
C PRO A 161 2.82 19.59 -18.93
N LYS A 162 2.71 19.22 -20.21
CA LYS A 162 2.51 20.17 -21.32
C LYS A 162 1.13 19.92 -21.93
N PRO A 163 0.05 20.38 -21.27
CA PRO A 163 -1.30 20.16 -21.79
C PRO A 163 -1.63 21.06 -22.97
N GLY A 164 -2.33 20.51 -23.96
CA GLY A 164 -2.80 21.27 -25.11
C GLY A 164 -4.03 22.10 -24.81
N ASP A 165 -4.71 22.55 -25.85
CA ASP A 165 -5.92 23.36 -25.72
C ASP A 165 -7.07 22.48 -25.22
N GLY A 166 -7.66 22.87 -24.08
CA GLY A 166 -8.75 22.12 -23.46
C GLY A 166 -8.34 20.95 -22.57
N GLU A 167 -7.05 20.79 -22.32
CA GLU A 167 -6.53 19.73 -21.45
C GLU A 167 -6.15 20.33 -20.10
N PHE A 168 -6.62 19.70 -19.02
CA PHE A 168 -6.38 20.17 -17.65
C PHE A 168 -6.18 18.96 -16.73
N VAL A 169 -4.96 18.43 -16.76
CA VAL A 169 -4.63 17.12 -16.19
C VAL A 169 -3.85 17.24 -14.87
N GLU A 170 -4.28 16.47 -13.87
CA GLU A 170 -3.56 16.32 -12.60
C GLU A 170 -2.96 14.92 -12.53
N VAL A 171 -1.72 14.81 -12.06
CA VAL A 171 -1.00 13.54 -12.00
C VAL A 171 -1.14 12.91 -10.63
N ILE A 172 -1.43 11.61 -10.59
CA ILE A 172 -1.58 10.84 -9.34
C ILE A 172 -0.80 9.54 -9.47
N SER A 173 0.35 9.46 -8.78
CA SER A 173 1.22 8.29 -8.79
C SER A 173 0.96 7.44 -7.56
N LEU A 174 0.57 6.19 -7.75
CA LEU A 174 0.21 5.28 -6.67
C LEU A 174 1.08 4.01 -6.73
N PRO A 175 1.52 3.50 -5.56
CA PRO A 175 2.30 2.26 -5.56
C PRO A 175 1.59 1.04 -6.18
N LYS A 176 2.32 0.29 -7.00
CA LYS A 176 1.82 -0.91 -7.68
C LYS A 176 1.41 -2.02 -6.70
N ASN A 177 2.19 -2.21 -5.64
CA ASN A 177 1.91 -3.24 -4.63
C ASN A 177 0.69 -2.97 -3.72
N ASP A 178 0.10 -1.78 -3.80
CA ASP A 178 -1.10 -1.42 -3.02
C ASP A 178 -2.07 -0.58 -3.86
N LEU A 179 -2.16 -0.87 -5.16
CA LEU A 179 -2.89 0.00 -6.09
C LEU A 179 -4.40 0.05 -5.82
N LEU A 180 -5.02 -1.12 -5.64
CA LEU A 180 -6.46 -1.22 -5.47
C LEU A 180 -6.96 -0.50 -4.21
N GLN A 181 -6.27 -0.72 -3.09
CA GLN A 181 -6.63 -0.07 -1.82
C GLN A 181 -6.45 1.45 -1.88
N ARG A 182 -5.41 1.92 -2.56
CA ARG A 182 -5.19 3.36 -2.75
C ARG A 182 -6.23 3.98 -3.70
N LEU A 183 -6.66 3.21 -4.71
CA LEU A 183 -7.77 3.64 -5.58
C LEU A 183 -9.10 3.72 -4.82
N ASP A 184 -9.36 2.74 -3.95
CA ASP A 184 -10.55 2.77 -3.07
C ASP A 184 -10.51 3.93 -2.08
N ALA A 185 -9.32 4.23 -1.54
CA ALA A 185 -9.15 5.35 -0.61
C ALA A 185 -9.43 6.72 -1.25
N LEU A 186 -9.08 6.86 -2.53
CA LEU A 186 -9.42 8.06 -3.31
C LEU A 186 -10.93 8.15 -3.56
N VAL A 187 -11.53 7.02 -3.93
CA VAL A 187 -12.99 6.92 -4.15
C VAL A 187 -13.86 7.25 -2.91
N ALA A 188 -13.37 6.92 -1.72
CA ALA A 188 -14.09 7.18 -0.47
C ALA A 188 -13.98 8.65 -0.06
N GLU A 189 -12.81 9.24 -0.27
CA GLU A 189 -12.54 10.61 0.16
C GLU A 189 -13.23 11.65 -0.71
N GLU A 190 -13.08 11.51 -2.03
CA GLU A 190 -13.67 12.47 -2.97
C GLU A 190 -14.70 11.79 -3.87
N HIS A 191 -15.46 12.60 -4.59
CA HIS A 191 -16.46 12.07 -5.51
C HIS A 191 -15.90 11.98 -6.93
N LEU A 192 -15.36 10.81 -7.27
CA LEU A 192 -14.81 10.59 -8.59
C LEU A 192 -14.91 9.13 -9.01
N THR A 193 -14.88 8.91 -10.32
CA THR A 193 -14.99 7.57 -10.94
C THR A 193 -13.61 7.06 -11.35
N VAL A 194 -13.34 5.79 -11.05
CA VAL A 194 -12.12 5.12 -11.50
C VAL A 194 -12.41 4.42 -12.83
N ASP A 195 -11.45 4.43 -13.74
CA ASP A 195 -11.59 3.80 -15.04
C ASP A 195 -11.60 2.27 -14.91
N ALA A 196 -12.40 1.61 -15.76
CA ALA A 196 -12.56 0.16 -15.72
C ALA A 196 -11.29 -0.62 -16.08
N ARG A 197 -10.48 -0.09 -16.99
CA ARG A 197 -9.18 -0.72 -17.32
C ARG A 197 -8.20 -0.58 -16.15
N VAL A 198 -8.22 0.58 -15.50
CA VAL A 198 -7.38 0.83 -14.32
C VAL A 198 -7.81 -0.06 -13.15
N TYR A 199 -9.12 -0.20 -12.94
CA TYR A 199 -9.63 -1.07 -11.88
C TYR A 199 -9.36 -2.54 -12.18
N SER A 200 -9.52 -2.93 -13.44
CA SER A 200 -9.21 -4.29 -13.91
C SER A 200 -7.73 -4.63 -13.70
N TYR A 201 -6.87 -3.67 -14.01
CA TYR A 201 -5.42 -3.80 -13.78
C TYR A 201 -5.11 -4.01 -12.30
N ALA A 202 -5.64 -3.14 -11.46
CA ALA A 202 -5.45 -3.21 -10.00
C ALA A 202 -6.00 -4.49 -9.37
N LEU A 203 -7.16 -4.96 -9.85
CA LEU A 203 -7.73 -6.24 -9.39
C LEU A 203 -6.82 -7.43 -9.72
N ALA A 204 -6.26 -7.43 -10.95
CA ALA A 204 -5.32 -8.48 -11.35
C ALA A 204 -4.05 -8.50 -10.47
N LEU A 205 -3.55 -7.32 -10.11
CA LEU A 205 -2.39 -7.22 -9.20
C LEU A 205 -2.69 -7.85 -7.83
N LYS A 206 -3.93 -7.69 -7.35
CA LYS A 206 -4.38 -8.35 -6.11
C LYS A 206 -4.49 -9.86 -6.28
N HIS A 207 -5.14 -10.30 -7.36
CA HIS A 207 -5.43 -11.72 -7.59
C HIS A 207 -4.19 -12.55 -7.94
N ALA A 208 -3.13 -11.92 -8.46
CA ALA A 208 -1.91 -12.63 -8.83
C ALA A 208 -1.16 -13.17 -7.61
N LYS B 15 -13.90 22.54 -9.75
CA LYS B 15 -13.57 23.71 -10.64
C LYS B 15 -14.26 23.61 -12.01
N GLN B 16 -14.35 22.40 -12.56
CA GLN B 16 -15.09 22.13 -13.79
C GLN B 16 -16.44 21.47 -13.48
N TYR B 17 -17.42 21.73 -14.33
CA TYR B 17 -18.80 21.25 -14.10
C TYR B 17 -19.66 21.34 -15.36
N ILE B 18 -20.76 20.59 -15.37
CA ILE B 18 -21.70 20.55 -16.49
C ILE B 18 -22.60 21.78 -16.41
N ILE B 19 -22.71 22.53 -17.51
CA ILE B 19 -23.58 23.68 -17.60
C ILE B 19 -24.93 23.24 -18.15
N SER B 20 -24.92 22.60 -19.32
CA SER B 20 -26.13 22.14 -19.98
C SER B 20 -25.87 21.07 -21.04
N GLU B 21 -26.94 20.37 -21.44
CA GLU B 21 -26.88 19.27 -22.40
C GLU B 21 -27.95 19.44 -23.49
N GLU B 22 -27.51 19.42 -24.76
CA GLU B 22 -28.41 19.49 -25.91
C GLU B 22 -28.50 18.12 -26.58
N LEU B 23 -29.72 17.66 -26.87
CA LEU B 23 -29.94 16.39 -27.55
C LEU B 23 -29.72 16.55 -29.05
N ILE B 24 -28.77 15.80 -29.62
CA ILE B 24 -28.47 15.86 -31.05
C ILE B 24 -29.34 14.85 -31.80
N SER B 25 -29.23 13.58 -31.41
CA SER B 25 -29.92 12.49 -32.07
C SER B 25 -30.11 11.31 -31.11
N GLU B 26 -31.36 11.08 -30.69
CA GLU B 26 -31.71 9.98 -29.79
C GLU B 26 -32.25 8.81 -30.59
N GLY B 27 -31.59 7.65 -30.47
CA GLY B 27 -32.12 6.39 -30.97
C GLY B 27 -32.95 5.70 -29.90
N LYS B 28 -33.26 4.43 -30.12
CA LYS B 28 -34.00 3.63 -29.15
C LYS B 28 -33.15 3.29 -27.93
N TRP B 29 -31.95 2.75 -28.17
CA TRP B 29 -31.04 2.30 -27.12
C TRP B 29 -29.95 3.34 -26.84
N VAL B 30 -29.29 3.82 -27.89
CA VAL B 30 -28.22 4.84 -27.78
C VAL B 30 -28.73 6.24 -28.13
N LYS B 31 -28.14 7.26 -27.51
CA LYS B 31 -28.39 8.67 -27.85
C LYS B 31 -27.09 9.48 -27.89
N LEU B 32 -27.12 10.56 -28.68
CA LEU B 32 -25.96 11.44 -28.86
C LEU B 32 -26.34 12.84 -28.38
N GLU B 33 -25.58 13.37 -27.42
CA GLU B 33 -25.85 14.69 -26.83
C GLU B 33 -24.66 15.61 -27.03
N LYS B 34 -24.92 16.92 -27.09
CA LYS B 34 -23.87 17.94 -27.13
C LYS B 34 -23.80 18.65 -25.78
N THR B 35 -22.87 18.20 -24.94
CA THR B 35 -22.70 18.71 -23.58
C THR B 35 -21.86 19.99 -23.57
N THR B 36 -22.40 21.04 -22.95
CA THR B 36 -21.68 22.30 -22.75
C THR B 36 -21.18 22.33 -21.30
N TYR B 37 -19.88 22.57 -21.13
CA TYR B 37 -19.24 22.53 -19.80
C TYR B 37 -18.28 23.70 -19.58
N MET B 38 -18.05 24.02 -18.30
CA MET B 38 -17.15 25.09 -17.89
C MET B 38 -15.76 24.51 -17.63
N ASP B 39 -14.75 25.04 -18.32
CA ASP B 39 -13.36 24.63 -18.10
C ASP B 39 -12.80 25.35 -16.86
N PRO B 40 -11.63 24.91 -16.35
CA PRO B 40 -11.19 25.44 -15.05
C PRO B 40 -10.66 26.88 -15.07
N THR B 41 -10.32 27.39 -16.26
CA THR B 41 -9.91 28.80 -16.41
C THR B 41 -11.10 29.76 -16.33
N GLY B 42 -12.23 29.36 -16.91
CA GLY B 42 -13.42 30.22 -17.04
C GLY B 42 -14.11 30.17 -18.40
N LYS B 43 -13.41 29.70 -19.42
CA LYS B 43 -13.96 29.58 -20.78
C LYS B 43 -14.99 28.45 -20.87
N THR B 44 -15.96 28.61 -21.77
CA THR B 44 -17.00 27.60 -22.02
C THR B 44 -16.59 26.74 -23.22
N ARG B 45 -16.78 25.42 -23.08
CA ARG B 45 -16.40 24.45 -24.12
C ARG B 45 -17.51 23.43 -24.36
N THR B 46 -17.51 22.84 -25.56
CA THR B 46 -18.52 21.88 -25.99
C THR B 46 -17.96 20.46 -26.07
N TRP B 47 -18.83 19.47 -25.90
CA TRP B 47 -18.44 18.06 -25.90
C TRP B 47 -19.62 17.16 -26.30
N GLU B 48 -19.60 16.70 -27.55
CA GLU B 48 -20.50 15.63 -28.02
C GLU B 48 -20.41 14.34 -27.18
N SER B 49 -21.24 14.27 -26.14
CA SER B 49 -21.26 13.12 -25.23
C SER B 49 -22.22 12.02 -25.68
N VAL B 50 -21.87 10.76 -25.40
CA VAL B 50 -22.69 9.60 -25.74
C VAL B 50 -23.32 9.01 -24.47
N LYS B 51 -24.55 8.53 -24.58
CA LYS B 51 -25.28 7.95 -23.44
C LYS B 51 -26.16 6.76 -23.85
N ARG B 52 -26.50 5.95 -22.85
CA ARG B 52 -27.48 4.87 -22.98
C ARG B 52 -28.81 5.32 -22.40
N THR B 53 -29.91 4.86 -23.00
CA THR B 53 -31.27 5.18 -22.55
C THR B 53 -31.82 4.16 -21.54
N THR B 54 -31.23 2.96 -21.48
CA THR B 54 -31.75 1.85 -20.68
C THR B 54 -31.50 1.98 -19.15
N ARG B 55 -30.63 2.88 -18.72
CA ARG B 55 -30.30 3.02 -17.29
C ARG B 55 -31.44 3.67 -16.51
N LYS B 56 -31.67 3.18 -15.28
CA LYS B 56 -32.73 3.70 -14.41
C LYS B 56 -32.31 5.02 -13.77
N GLN B 58 -30.43 3.30 -10.33
CA GLN B 58 -29.41 2.34 -10.71
C GLN B 58 -28.01 2.87 -10.42
N THR B 59 -27.13 1.99 -9.94
CA THR B 59 -25.75 2.33 -9.62
C THR B 59 -24.88 2.47 -10.87
N ALA B 60 -25.10 1.59 -11.85
CA ALA B 60 -24.37 1.61 -13.12
C ALA B 60 -25.22 1.02 -14.26
N ASP B 61 -24.69 1.04 -15.48
CA ASP B 61 -25.40 0.51 -16.65
C ASP B 61 -25.44 -1.02 -16.64
N GLY B 62 -24.28 -1.64 -16.41
CA GLY B 62 -24.16 -3.09 -16.44
C GLY B 62 -23.15 -3.66 -15.45
N VAL B 63 -22.80 -4.92 -15.67
CA VAL B 63 -21.79 -5.62 -14.89
C VAL B 63 -20.86 -6.38 -15.82
N ALA B 64 -19.61 -6.54 -15.40
CA ALA B 64 -18.66 -7.41 -16.06
C ALA B 64 -18.17 -8.43 -15.03
N VAL B 65 -18.28 -9.70 -15.35
CA VAL B 65 -17.95 -10.78 -14.42
C VAL B 65 -16.53 -11.25 -14.71
N ILE B 66 -15.64 -11.17 -13.72
CA ILE B 66 -14.35 -11.84 -13.77
C ILE B 66 -14.56 -13.22 -13.11
N PRO B 67 -14.81 -14.28 -13.93
CA PRO B 67 -15.17 -15.56 -13.34
C PRO B 67 -13.97 -16.50 -13.23
N VAL B 68 -13.57 -16.80 -11.99
CA VAL B 68 -12.40 -17.64 -11.71
C VAL B 68 -12.85 -19.09 -11.55
N LEU B 69 -12.58 -19.92 -12.55
CA LEU B 69 -12.97 -21.33 -12.55
C LEU B 69 -11.95 -22.18 -11.78
N GLN B 70 -12.36 -22.68 -10.62
CA GLN B 70 -11.48 -23.39 -9.71
C GLN B 70 -11.82 -24.88 -9.67
N ARG B 71 -10.96 -25.69 -10.27
CA ARG B 71 -11.06 -27.15 -10.23
C ARG B 71 -9.78 -27.69 -9.62
N THR B 72 -9.91 -28.60 -8.66
CA THR B 72 -8.75 -29.18 -7.97
C THR B 72 -7.93 -30.06 -8.94
N LEU B 73 -6.61 -30.00 -8.80
CA LEU B 73 -5.65 -30.69 -9.70
C LEU B 73 -5.64 -30.19 -11.16
N HIS B 74 -6.21 -29.00 -11.38
CA HIS B 74 -6.22 -28.33 -12.68
C HIS B 74 -5.68 -26.91 -12.45
N TYR B 75 -5.24 -26.26 -13.54
CA TYR B 75 -4.91 -24.84 -13.47
C TYR B 75 -6.19 -24.03 -13.23
N GLU B 76 -6.08 -22.96 -12.44
CA GLU B 76 -7.18 -21.97 -12.34
C GLU B 76 -7.36 -21.34 -13.72
N CYS B 77 -8.62 -21.19 -14.13
CA CYS B 77 -8.95 -20.59 -15.41
C CYS B 77 -9.82 -19.35 -15.23
N ILE B 78 -9.68 -18.43 -16.19
CA ILE B 78 -10.57 -17.28 -16.31
C ILE B 78 -11.55 -17.60 -17.42
N VAL B 79 -12.85 -17.49 -17.14
CA VAL B 79 -13.90 -17.84 -18.10
C VAL B 79 -14.24 -16.61 -18.94
N LEU B 80 -14.04 -16.71 -20.25
CA LEU B 80 -14.30 -15.62 -21.18
C LEU B 80 -15.35 -16.03 -22.21
N VAL B 81 -15.96 -15.02 -22.83
CA VAL B 81 -17.04 -15.22 -23.81
C VAL B 81 -16.65 -14.62 -25.17
N LYS B 82 -16.83 -15.40 -26.22
CA LYS B 82 -16.65 -14.95 -27.60
C LYS B 82 -18.04 -14.70 -28.22
N GLN B 83 -18.24 -13.49 -28.73
CA GLN B 83 -19.51 -13.07 -29.36
C GLN B 83 -19.24 -12.21 -30.58
N PHE B 84 -20.11 -12.29 -31.59
CA PHE B 84 -20.12 -11.32 -32.68
C PHE B 84 -20.66 -10.00 -32.15
N ARG B 85 -19.93 -8.92 -32.41
CA ARG B 85 -20.30 -7.58 -31.95
C ARG B 85 -20.44 -6.66 -33.18
N PRO B 86 -21.70 -6.34 -33.56
CA PRO B 86 -21.96 -5.51 -34.75
C PRO B 86 -21.29 -4.12 -34.82
N PRO B 87 -21.13 -3.43 -33.67
CA PRO B 87 -20.34 -2.18 -33.72
C PRO B 87 -18.90 -2.39 -34.17
N MET B 88 -18.26 -3.47 -33.68
CA MET B 88 -16.92 -3.84 -34.10
C MET B 88 -16.86 -4.46 -35.50
N GLY B 89 -17.95 -5.08 -35.94
CA GLY B 89 -18.00 -5.76 -37.23
C GLY B 89 -17.22 -7.06 -37.24
N GLY B 90 -17.19 -7.74 -36.09
CA GLY B 90 -16.41 -8.95 -35.92
C GLY B 90 -16.55 -9.54 -34.53
N TYR B 91 -15.87 -10.66 -34.30
CA TYR B 91 -15.93 -11.37 -33.02
C TYR B 91 -14.98 -10.78 -31.99
N CYS B 92 -15.39 -10.80 -30.72
CA CYS B 92 -14.59 -10.25 -29.61
C CYS B 92 -14.58 -11.18 -28.39
N ILE B 93 -13.41 -11.31 -27.78
CA ILE B 93 -13.26 -12.05 -26.51
C ILE B 93 -13.43 -11.05 -25.37
N GLU B 94 -14.40 -11.33 -24.49
CA GLU B 94 -14.77 -10.42 -23.40
C GLU B 94 -15.03 -11.19 -22.12
N PHE B 95 -15.06 -10.47 -21.00
CA PHE B 95 -15.61 -10.99 -19.74
C PHE B 95 -17.11 -11.18 -19.95
N PRO B 96 -17.71 -12.22 -19.33
CA PRO B 96 -19.17 -12.30 -19.32
C PRO B 96 -19.79 -11.02 -18.76
N ALA B 97 -20.80 -10.49 -19.44
CA ALA B 97 -21.32 -9.16 -19.10
C ALA B 97 -22.71 -8.92 -19.66
N GLY B 98 -23.38 -7.92 -19.08
CA GLY B 98 -24.70 -7.50 -19.52
C GLY B 98 -25.27 -6.43 -18.61
N LEU B 99 -26.35 -5.79 -19.04
CA LEU B 99 -26.97 -4.70 -18.29
C LEU B 99 -27.69 -5.19 -17.04
N ILE B 100 -27.76 -4.33 -16.03
CA ILE B 100 -28.47 -4.62 -14.79
C ILE B 100 -29.94 -4.23 -14.99
N ASP B 101 -30.86 -5.15 -14.66
CA ASP B 101 -32.29 -4.90 -14.77
C ASP B 101 -32.79 -3.97 -13.67
N ASP B 102 -34.02 -3.47 -13.84
CA ASP B 102 -34.65 -2.58 -12.85
C ASP B 102 -35.01 -3.37 -11.59
N GLY B 103 -34.61 -2.84 -10.43
CA GLY B 103 -34.80 -3.51 -9.16
C GLY B 103 -33.89 -4.73 -9.00
N GLU B 104 -32.60 -4.52 -9.26
CA GLU B 104 -31.60 -5.58 -9.21
C GLU B 104 -30.27 -5.02 -8.74
N THR B 105 -29.72 -5.61 -7.66
CA THR B 105 -28.40 -5.23 -7.15
C THR B 105 -27.30 -5.75 -8.09
N PRO B 106 -26.14 -5.05 -8.18
CA PRO B 106 -25.05 -5.51 -9.07
C PRO B 106 -24.55 -6.95 -8.87
N GLU B 107 -24.61 -7.46 -7.65
CA GLU B 107 -24.17 -8.84 -7.35
C GLU B 107 -25.09 -9.88 -7.98
N ALA B 108 -26.40 -9.60 -8.00
CA ALA B 108 -27.40 -10.50 -8.57
C ALA B 108 -27.33 -10.53 -10.09
N ALA B 109 -27.09 -9.37 -10.71
CA ALA B 109 -26.89 -9.27 -12.16
C ALA B 109 -25.64 -10.02 -12.63
N ALA B 110 -24.59 -10.04 -11.80
CA ALA B 110 -23.35 -10.74 -12.11
C ALA B 110 -23.55 -12.25 -12.19
N LEU B 111 -24.18 -12.82 -11.16
CA LEU B 111 -24.46 -14.25 -11.11
C LEU B 111 -25.46 -14.70 -12.18
N ARG B 112 -26.43 -13.84 -12.50
CA ARG B 112 -27.41 -14.12 -13.56
C ARG B 112 -26.73 -14.16 -14.94
N GLU B 113 -26.02 -13.08 -15.26
CA GLU B 113 -25.33 -12.97 -16.56
C GLU B 113 -24.27 -14.05 -16.76
N LEU B 114 -23.57 -14.42 -15.69
CA LEU B 114 -22.60 -15.51 -15.73
C LEU B 114 -23.26 -16.83 -16.12
N GLU B 115 -24.38 -17.15 -15.47
CA GLU B 115 -25.12 -18.39 -15.75
C GLU B 115 -25.74 -18.39 -17.15
N GLU B 116 -26.34 -17.27 -17.56
CA GLU B 116 -26.95 -17.16 -18.89
C GLU B 116 -25.93 -17.38 -20.03
N GLU B 117 -24.76 -16.75 -19.90
CA GLU B 117 -23.76 -16.76 -20.98
C GLU B 117 -22.79 -17.95 -20.95
N THR B 118 -22.46 -18.45 -19.77
CA THR B 118 -21.53 -19.58 -19.63
C THR B 118 -22.13 -20.89 -19.11
N GLY B 119 -23.23 -20.81 -18.36
CA GLY B 119 -23.83 -21.98 -17.69
C GLY B 119 -23.33 -22.23 -16.28
N TYR B 120 -22.31 -21.49 -15.84
CA TYR B 120 -21.69 -21.72 -14.53
C TYR B 120 -22.45 -21.02 -13.41
N LYS B 121 -22.61 -21.72 -12.29
CA LYS B 121 -23.15 -21.16 -11.05
C LYS B 121 -21.98 -20.71 -10.18
N GLY B 122 -21.90 -19.40 -9.92
CA GLY B 122 -20.77 -18.81 -9.21
C GLY B 122 -21.11 -18.24 -7.84
N ASP B 123 -20.08 -17.89 -7.09
CA ASP B 123 -20.20 -17.27 -5.77
C ASP B 123 -19.46 -15.93 -5.78
N ILE B 124 -20.04 -14.91 -5.14
CA ILE B 124 -19.45 -13.57 -5.13
C ILE B 124 -18.21 -13.54 -4.25
N ALA B 125 -17.09 -13.06 -4.81
CA ALA B 125 -15.85 -12.84 -4.06
C ALA B 125 -15.75 -11.38 -3.64
N GLU B 126 -15.95 -10.48 -4.61
CA GLU B 126 -16.00 -9.04 -4.35
C GLU B 126 -16.67 -8.28 -5.51
N CYS B 127 -17.03 -7.03 -5.24
CA CYS B 127 -17.72 -6.17 -6.22
C CYS B 127 -17.11 -4.77 -6.19
N SER B 128 -16.77 -4.25 -7.38
CA SER B 128 -16.19 -2.91 -7.51
C SER B 128 -17.28 -1.84 -7.39
N PRO B 129 -16.89 -0.59 -7.12
CA PRO B 129 -17.81 0.53 -7.33
C PRO B 129 -18.06 0.76 -8.82
N ALA B 130 -18.88 1.76 -9.14
CA ALA B 130 -19.15 2.11 -10.54
C ALA B 130 -17.87 2.61 -11.19
N VAL B 131 -17.46 1.93 -12.27
CA VAL B 131 -16.25 2.30 -13.01
C VAL B 131 -16.59 2.62 -14.47
N CYS B 132 -15.94 3.64 -15.03
CA CYS B 132 -16.31 4.17 -16.35
C CYS B 132 -15.64 3.37 -17.47
N MET B 133 -16.34 3.27 -18.59
CA MET B 133 -15.94 2.40 -19.71
C MET B 133 -15.07 3.11 -20.73
N ASP B 134 -15.49 4.31 -21.12
CA ASP B 134 -14.78 5.11 -22.12
C ASP B 134 -15.14 6.58 -21.89
N PRO B 135 -14.62 7.18 -20.80
CA PRO B 135 -15.11 8.45 -20.28
C PRO B 135 -14.93 9.66 -21.19
N GLY B 136 -14.00 9.60 -22.14
CA GLY B 136 -13.86 10.62 -23.19
C GLY B 136 -15.01 10.61 -24.17
N LEU B 137 -15.56 9.43 -24.45
CA LEU B 137 -16.64 9.24 -25.42
C LEU B 137 -18.01 9.24 -24.76
N SER B 138 -18.20 8.33 -23.80
CA SER B 138 -19.52 8.03 -23.23
C SER B 138 -19.57 8.19 -21.71
N ASN B 139 -20.77 8.08 -21.15
CA ASN B 139 -21.00 8.06 -19.70
C ASN B 139 -21.16 6.64 -19.12
N CYS B 140 -20.93 5.62 -19.95
CA CYS B 140 -21.22 4.23 -19.59
C CYS B 140 -20.34 3.74 -18.44
N THR B 141 -20.98 3.09 -17.47
CA THR B 141 -20.29 2.54 -16.30
C THR B 141 -20.68 1.08 -16.06
N ILE B 142 -19.83 0.37 -15.33
CA ILE B 142 -20.11 -1.01 -14.91
C ILE B 142 -19.61 -1.27 -13.50
N HIS B 143 -20.08 -2.38 -12.91
CA HIS B 143 -19.49 -2.94 -11.71
C HIS B 143 -18.72 -4.17 -12.12
N ILE B 144 -17.40 -4.18 -11.88
CA ILE B 144 -16.57 -5.35 -12.12
C ILE B 144 -16.74 -6.27 -10.92
N VAL B 145 -17.31 -7.45 -11.15
CA VAL B 145 -17.66 -8.38 -10.08
C VAL B 145 -16.79 -9.64 -10.19
N THR B 146 -15.92 -9.85 -9.21
CA THR B 146 -15.08 -11.04 -9.15
C THR B 146 -15.92 -12.19 -8.59
N VAL B 147 -15.97 -13.30 -9.34
CA VAL B 147 -16.81 -14.44 -9.00
C VAL B 147 -15.96 -15.71 -9.06
N THR B 148 -15.99 -16.50 -7.98
CA THR B 148 -15.35 -17.81 -7.96
C THR B 148 -16.38 -18.87 -8.37
N ILE B 149 -15.95 -19.81 -9.19
CA ILE B 149 -16.79 -20.91 -9.66
C ILE B 149 -16.17 -22.22 -9.19
N ASN B 150 -16.89 -22.95 -8.35
CA ASN B 150 -16.46 -24.29 -7.93
C ASN B 150 -16.77 -25.27 -9.07
N GLY B 151 -15.74 -25.54 -9.87
CA GLY B 151 -15.86 -26.47 -11.00
C GLY B 151 -15.97 -27.94 -10.64
N ASP B 152 -15.66 -28.29 -9.38
CA ASP B 152 -15.84 -29.66 -8.88
C ASP B 152 -17.27 -29.98 -8.45
N ASP B 153 -18.07 -28.94 -8.18
CA ASP B 153 -19.47 -29.11 -7.77
C ASP B 153 -20.30 -29.67 -8.93
N ALA B 154 -21.27 -30.53 -8.60
CA ALA B 154 -22.08 -31.23 -9.60
C ALA B 154 -22.96 -30.30 -10.46
N GLU B 155 -23.32 -29.14 -9.93
CA GLU B 155 -24.05 -28.13 -10.70
C GLU B 155 -23.23 -27.51 -11.85
N ASN B 156 -21.90 -27.50 -11.70
CA ASN B 156 -20.98 -27.00 -12.74
C ASN B 156 -20.25 -28.11 -13.53
N ALA B 157 -20.75 -29.34 -13.45
CA ALA B 157 -20.15 -30.48 -14.16
C ALA B 157 -20.45 -30.42 -15.66
N ARG B 158 -21.72 -30.17 -15.99
CA ARG B 158 -22.17 -29.97 -17.37
C ARG B 158 -22.84 -28.60 -17.47
N PRO B 159 -22.06 -27.53 -17.68
CA PRO B 159 -22.63 -26.18 -17.72
C PRO B 159 -23.47 -25.93 -18.98
N LYS B 160 -24.71 -25.50 -18.79
CA LYS B 160 -25.65 -25.25 -19.88
C LYS B 160 -25.95 -23.75 -19.99
N PRO B 161 -25.39 -23.08 -21.01
CA PRO B 161 -25.72 -21.66 -21.23
C PRO B 161 -27.19 -21.46 -21.64
N LYS B 162 -27.83 -20.45 -21.06
CA LYS B 162 -29.21 -20.08 -21.37
C LYS B 162 -29.22 -18.71 -22.08
N PRO B 163 -28.98 -18.69 -23.40
CA PRO B 163 -28.94 -17.42 -24.13
C PRO B 163 -30.33 -16.82 -24.33
N GLY B 164 -30.41 -15.48 -24.25
CA GLY B 164 -31.64 -14.76 -24.52
C GLY B 164 -31.88 -14.59 -26.01
N ASP B 165 -32.93 -13.83 -26.36
CA ASP B 165 -33.27 -13.54 -27.74
C ASP B 165 -32.28 -12.51 -28.30
N GLY B 166 -31.42 -12.95 -29.22
CA GLY B 166 -30.40 -12.10 -29.84
C GLY B 166 -28.96 -12.46 -29.48
N GLU B 167 -28.76 -12.97 -28.26
CA GLU B 167 -27.41 -13.36 -27.80
C GLU B 167 -27.01 -14.73 -28.33
N PHE B 168 -25.75 -14.83 -28.78
CA PHE B 168 -25.17 -16.09 -29.28
C PHE B 168 -23.71 -16.18 -28.82
N VAL B 169 -23.52 -16.82 -27.66
CA VAL B 169 -22.26 -16.76 -26.91
C VAL B 169 -21.51 -18.09 -26.94
N GLU B 170 -20.21 -18.03 -27.17
CA GLU B 170 -19.31 -19.19 -27.13
C GLU B 170 -18.30 -19.03 -26.01
N VAL B 171 -18.16 -20.06 -25.18
CA VAL B 171 -17.35 -20.01 -23.96
C VAL B 171 -15.91 -20.41 -24.24
N ILE B 172 -14.97 -19.61 -23.74
CA ILE B 172 -13.53 -19.89 -23.86
C ILE B 172 -12.87 -19.70 -22.49
N SER B 173 -12.50 -20.81 -21.85
CA SER B 173 -11.80 -20.81 -20.56
C SER B 173 -10.30 -20.92 -20.78
N LEU B 174 -9.55 -19.94 -20.30
CA LEU B 174 -8.09 -19.89 -20.46
C LEU B 174 -7.41 -19.90 -19.09
N PRO B 175 -6.24 -20.54 -18.98
CA PRO B 175 -5.55 -20.61 -17.69
C PRO B 175 -5.07 -19.23 -17.21
N LYS B 176 -5.31 -18.93 -15.93
CA LYS B 176 -4.93 -17.66 -15.31
C LYS B 176 -3.42 -17.41 -15.39
N ASN B 177 -2.62 -18.45 -15.16
CA ASN B 177 -1.15 -18.32 -15.12
C ASN B 177 -0.46 -17.99 -16.46
N ASP B 178 -1.18 -18.11 -17.59
CA ASP B 178 -0.65 -17.79 -18.91
C ASP B 178 -1.70 -17.06 -19.76
N LEU B 179 -2.45 -16.15 -19.13
CA LEU B 179 -3.62 -15.52 -19.77
C LEU B 179 -3.27 -14.63 -20.95
N LEU B 180 -2.23 -13.80 -20.80
CA LEU B 180 -1.83 -12.86 -21.86
C LEU B 180 -1.32 -13.61 -23.10
N GLN B 181 -0.45 -14.59 -22.89
CA GLN B 181 0.13 -15.38 -23.99
C GLN B 181 -0.92 -16.21 -24.76
N ARG B 182 -1.89 -16.75 -24.03
CA ARG B 182 -3.00 -17.49 -24.65
C ARG B 182 -3.98 -16.57 -25.40
N LEU B 183 -4.20 -15.36 -24.87
CA LEU B 183 -4.98 -14.34 -25.58
C LEU B 183 -4.29 -13.87 -26.86
N ASP B 184 -2.97 -13.65 -26.78
CA ASP B 184 -2.16 -13.27 -27.96
C ASP B 184 -2.20 -14.34 -29.05
N ALA B 185 -2.19 -15.61 -28.64
CA ALA B 185 -2.29 -16.74 -29.56
C ALA B 185 -3.63 -16.76 -30.31
N LEU B 186 -4.72 -16.46 -29.59
CA LEU B 186 -6.07 -16.40 -30.19
C LEU B 186 -6.23 -15.24 -31.18
N VAL B 187 -5.59 -14.11 -30.90
CA VAL B 187 -5.58 -12.96 -31.82
C VAL B 187 -4.79 -13.30 -33.10
N ALA B 188 -3.69 -14.03 -32.95
CA ALA B 188 -2.80 -14.36 -34.06
C ALA B 188 -3.40 -15.30 -35.10
N GLU B 189 -4.19 -16.28 -34.66
CA GLU B 189 -4.69 -17.35 -35.54
C GLU B 189 -6.22 -17.46 -35.75
N GLU B 190 -6.96 -16.41 -35.44
CA GLU B 190 -8.43 -16.42 -35.53
C GLU B 190 -8.98 -15.01 -35.69
N HIS B 191 -8.07 -14.04 -35.85
CA HIS B 191 -8.47 -12.65 -36.01
C HIS B 191 -9.63 -12.30 -35.07
N LEU B 192 -9.30 -12.08 -33.81
CA LEU B 192 -10.27 -11.70 -32.76
C LEU B 192 -9.80 -10.40 -32.13
N THR B 193 -10.74 -9.61 -31.62
CA THR B 193 -10.42 -8.41 -30.86
C THR B 193 -10.67 -8.68 -29.38
N VAL B 194 -9.59 -8.68 -28.60
CA VAL B 194 -9.68 -8.88 -27.15
C VAL B 194 -10.17 -7.58 -26.50
N ASP B 195 -10.98 -7.72 -25.45
CA ASP B 195 -11.51 -6.58 -24.72
C ASP B 195 -10.42 -5.86 -23.92
N ALA B 196 -10.52 -4.53 -23.82
CA ALA B 196 -9.52 -3.70 -23.14
C ALA B 196 -9.37 -4.04 -21.67
N ARG B 197 -10.49 -4.27 -20.98
CA ARG B 197 -10.48 -4.66 -19.56
C ARG B 197 -9.93 -6.07 -19.36
N VAL B 198 -10.24 -6.98 -20.28
CA VAL B 198 -9.67 -8.34 -20.27
C VAL B 198 -8.15 -8.29 -20.48
N TYR B 199 -7.72 -7.48 -21.45
CA TYR B 199 -6.29 -7.31 -21.73
C TYR B 199 -5.55 -6.63 -20.57
N SER B 200 -6.17 -5.60 -19.98
CA SER B 200 -5.59 -4.91 -18.82
C SER B 200 -5.43 -5.83 -17.62
N TYR B 201 -6.41 -6.71 -17.41
CA TYR B 201 -6.35 -7.74 -16.37
C TYR B 201 -5.22 -8.72 -16.64
N ALA B 202 -5.16 -9.23 -17.88
CA ALA B 202 -4.13 -10.18 -18.31
C ALA B 202 -2.71 -9.61 -18.22
N LEU B 203 -2.56 -8.33 -18.55
CA LEU B 203 -1.28 -7.61 -18.40
C LEU B 203 -0.80 -7.56 -16.95
N ALA B 204 -1.69 -7.13 -16.05
CA ALA B 204 -1.35 -7.00 -14.63
C ALA B 204 -0.98 -8.33 -13.96
N LEU B 205 -1.59 -9.43 -14.41
CA LEU B 205 -1.21 -10.78 -13.94
C LEU B 205 0.27 -11.06 -14.18
N LYS B 206 0.74 -10.75 -15.39
CA LYS B 206 2.16 -10.86 -15.74
C LYS B 206 3.07 -9.83 -15.04
N HIS B 207 2.60 -8.59 -14.94
CA HIS B 207 3.38 -7.50 -14.35
C HIS B 207 3.53 -7.57 -12.83
N ALA B 208 2.53 -8.12 -12.15
CA ALA B 208 2.54 -8.26 -10.65
C ALA B 208 3.80 -8.88 -10.02
N ASN B 209 4.39 -9.85 -10.71
CA ASN B 209 5.61 -10.52 -10.26
C ASN B 209 6.83 -9.61 -10.48
N GLN C 16 24.26 1.10 -1.11
CA GLN C 16 24.69 0.13 -0.06
C GLN C 16 23.83 -1.14 -0.11
N TYR C 17 24.45 -2.29 0.16
CA TYR C 17 23.77 -3.59 0.04
C TYR C 17 24.51 -4.71 0.78
N ILE C 18 23.76 -5.74 1.17
CA ILE C 18 24.29 -6.86 1.94
C ILE C 18 25.11 -7.81 1.06
N ILE C 19 26.42 -7.77 1.23
CA ILE C 19 27.36 -8.57 0.43
C ILE C 19 27.45 -9.99 0.98
N SER C 20 27.87 -10.09 2.25
CA SER C 20 28.12 -11.37 2.92
C SER C 20 27.19 -11.61 4.10
N GLU C 21 27.16 -12.86 4.57
CA GLU C 21 26.37 -13.27 5.74
C GLU C 21 27.06 -14.42 6.47
N GLU C 22 28.20 -14.11 7.09
CA GLU C 22 29.03 -15.11 7.76
C GLU C 22 28.46 -15.51 9.12
N LEU C 23 28.07 -16.78 9.25
CA LEU C 23 27.50 -17.32 10.49
C LEU C 23 28.59 -17.55 11.54
N ILE C 24 28.51 -16.81 12.64
CA ILE C 24 29.51 -16.90 13.71
C ILE C 24 29.16 -17.99 14.71
N SER C 25 27.95 -17.91 15.26
CA SER C 25 27.46 -18.89 16.25
C SER C 25 25.93 -18.88 16.33
N GLU C 26 25.37 -20.00 16.79
CA GLU C 26 23.91 -20.17 16.88
C GLU C 26 23.49 -20.89 18.15
N GLY C 27 22.22 -20.74 18.51
CA GLY C 27 21.62 -21.38 19.68
C GLY C 27 20.17 -21.77 19.46
N LYS C 28 19.48 -22.07 20.56
CA LYS C 28 18.07 -22.47 20.51
C LYS C 28 17.13 -21.32 20.16
N TRP C 29 17.43 -20.12 20.66
CA TRP C 29 16.57 -18.93 20.49
C TRP C 29 17.20 -17.83 19.63
N VAL C 30 18.48 -17.53 19.85
CA VAL C 30 19.18 -16.42 19.18
C VAL C 30 20.49 -16.89 18.52
N LYS C 31 20.86 -16.23 17.43
CA LYS C 31 22.09 -16.52 16.68
C LYS C 31 22.91 -15.25 16.43
N LEU C 32 24.15 -15.43 15.96
CA LEU C 32 25.10 -14.35 15.75
C LEU C 32 25.73 -14.48 14.35
N GLU C 33 25.74 -13.38 13.59
CA GLU C 33 26.27 -13.36 12.22
C GLU C 33 27.19 -12.16 11.99
N LYS C 34 27.82 -12.13 10.82
CA LYS C 34 28.65 -11.00 10.38
C LYS C 34 28.35 -10.65 8.93
N THR C 35 28.41 -9.37 8.59
CA THR C 35 28.02 -8.88 7.26
C THR C 35 28.89 -7.72 6.77
N THR C 36 29.26 -7.77 5.48
CA THR C 36 30.08 -6.75 4.83
C THR C 36 29.19 -5.88 3.92
N TYR C 37 29.55 -4.61 3.76
CA TYR C 37 28.76 -3.67 2.98
C TYR C 37 29.60 -2.51 2.41
N MET C 38 29.15 -1.97 1.27
CA MET C 38 29.75 -0.77 0.66
C MET C 38 28.97 0.46 1.11
N ASP C 39 29.64 1.61 1.12
CA ASP C 39 29.03 2.90 1.52
C ASP C 39 28.87 3.84 0.31
N PRO C 40 28.39 5.06 0.56
CA PRO C 40 28.06 6.16 -0.36
C PRO C 40 29.22 6.57 -1.29
N THR C 41 30.42 6.73 -0.73
CA THR C 41 31.58 7.17 -1.50
C THR C 41 32.15 6.06 -2.40
N GLY C 42 32.31 4.86 -1.84
CA GLY C 42 32.92 3.73 -2.57
C GLY C 42 33.56 2.65 -1.73
N LYS C 43 34.12 3.02 -0.57
CA LYS C 43 34.83 2.08 0.31
C LYS C 43 33.95 0.98 0.89
N THR C 44 34.60 -0.05 1.44
CA THR C 44 33.92 -1.24 1.97
C THR C 44 34.22 -1.41 3.48
N ARG C 45 33.17 -1.73 4.24
CA ARG C 45 33.26 -1.86 5.71
C ARG C 45 32.49 -3.11 6.18
N THR C 46 32.66 -3.47 7.46
CA THR C 46 32.08 -4.70 8.04
C THR C 46 31.20 -4.41 9.25
N TRP C 47 30.45 -5.42 9.69
CA TRP C 47 29.49 -5.30 10.79
C TRP C 47 29.14 -6.65 11.43
N GLU C 48 28.76 -6.62 12.71
CA GLU C 48 28.35 -7.81 13.47
C GLU C 48 26.85 -7.76 13.75
N SER C 49 26.15 -8.85 13.43
CA SER C 49 24.68 -8.91 13.43
C SER C 49 24.13 -10.00 14.35
N VAL C 50 22.86 -9.83 14.75
CA VAL C 50 22.15 -10.77 15.62
C VAL C 50 20.78 -11.09 15.00
N LYS C 51 20.25 -12.28 15.28
CA LYS C 51 18.93 -12.68 14.79
C LYS C 51 18.32 -13.83 15.59
N ARG C 52 16.99 -13.81 15.68
CA ARG C 52 16.23 -14.86 16.36
C ARG C 52 16.03 -16.06 15.44
N THR C 53 16.00 -17.25 16.04
CA THR C 53 15.79 -18.51 15.31
C THR C 53 14.31 -18.87 15.15
N THR C 54 13.44 -18.27 15.97
CA THR C 54 11.99 -18.54 15.94
C THR C 54 11.24 -17.91 14.76
N ARG C 55 11.87 -16.96 14.05
CA ARG C 55 11.27 -16.35 12.87
C ARG C 55 11.26 -17.35 11.70
N LYS C 56 10.09 -17.50 11.07
CA LYS C 56 9.93 -18.42 9.94
C LYS C 56 8.67 -18.10 9.14
N GLN C 58 6.18 -15.30 8.74
CA GLN C 58 5.84 -14.23 9.69
C GLN C 58 6.29 -12.87 9.14
N THR C 59 5.43 -11.87 9.31
CA THR C 59 5.73 -10.49 8.88
C THR C 59 6.85 -9.87 9.72
N ALA C 60 6.72 -10.03 11.05
CA ALA C 60 7.73 -9.62 12.01
C ALA C 60 7.92 -10.71 13.06
N ASP C 61 8.86 -10.50 13.99
CA ASP C 61 9.11 -11.47 15.06
C ASP C 61 7.97 -11.51 16.07
N GLY C 62 7.53 -10.32 16.50
CA GLY C 62 6.48 -10.21 17.52
C GLY C 62 5.61 -8.98 17.36
N VAL C 63 4.95 -8.59 18.45
CA VAL C 63 4.11 -7.38 18.51
C VAL C 63 4.26 -6.68 19.87
N ALA C 64 4.08 -5.37 19.87
CA ALA C 64 4.06 -4.57 21.11
C ALA C 64 2.73 -3.82 21.18
N VAL C 65 1.96 -4.06 22.24
CA VAL C 65 0.60 -3.54 22.34
C VAL C 65 0.58 -2.26 23.19
N ILE C 66 0.02 -1.18 22.64
CA ILE C 66 -0.25 0.04 23.40
C ILE C 66 -1.71 -0.02 23.85
N PRO C 67 -1.98 -0.53 25.08
CA PRO C 67 -3.36 -0.76 25.48
C PRO C 67 -3.94 0.46 26.22
N VAL C 68 -4.95 1.08 25.63
CA VAL C 68 -5.59 2.27 26.19
C VAL C 68 -6.86 1.86 26.93
N LEU C 69 -6.79 1.87 28.25
CA LEU C 69 -7.94 1.54 29.11
C LEU C 69 -8.89 2.73 29.14
N GLN C 70 -10.10 2.52 28.61
CA GLN C 70 -11.11 3.57 28.48
C GLN C 70 -12.30 3.28 29.39
N ARG C 71 -12.70 4.29 30.17
CA ARG C 71 -13.78 4.18 31.15
C ARG C 71 -14.57 5.49 31.20
N THR C 72 -15.88 5.39 31.43
CA THR C 72 -16.77 6.56 31.41
C THR C 72 -16.44 7.60 32.48
N LEU C 73 -16.09 7.12 33.68
CA LEU C 73 -15.86 8.00 34.84
C LEU C 73 -14.43 8.51 35.01
N HIS C 74 -13.49 8.02 34.19
CA HIS C 74 -12.07 8.34 34.36
C HIS C 74 -11.43 8.81 33.07
N TYR C 75 -10.30 9.50 33.22
CA TYR C 75 -9.39 9.72 32.09
C TYR C 75 -8.72 8.40 31.74
N GLU C 76 -8.16 8.34 30.54
CA GLU C 76 -7.59 7.09 30.01
C GLU C 76 -6.31 6.69 30.74
N CYS C 77 -6.10 5.37 30.84
CA CYS C 77 -4.86 4.82 31.35
C CYS C 77 -4.15 4.03 30.26
N ILE C 78 -2.82 3.96 30.38
CA ILE C 78 -2.00 3.11 29.52
C ILE C 78 -1.59 1.89 30.34
N VAL C 79 -2.02 0.71 29.90
CA VAL C 79 -1.75 -0.53 30.64
C VAL C 79 -0.34 -1.00 30.29
N LEU C 80 0.52 -1.10 31.31
CA LEU C 80 1.90 -1.55 31.15
C LEU C 80 2.11 -2.84 31.92
N VAL C 81 3.25 -3.49 31.69
CA VAL C 81 3.60 -4.74 32.37
C VAL C 81 5.02 -4.68 32.93
N LYS C 82 5.17 -5.24 34.13
CA LYS C 82 6.46 -5.33 34.81
C LYS C 82 6.83 -6.80 34.92
N GLN C 83 8.07 -7.12 34.54
CA GLN C 83 8.59 -8.49 34.64
C GLN C 83 10.13 -8.50 34.69
N PHE C 84 10.68 -9.57 35.27
CA PHE C 84 12.13 -9.76 35.32
C PHE C 84 12.60 -10.21 33.93
N ARG C 85 13.66 -9.58 33.46
CA ARG C 85 14.25 -9.86 32.16
C ARG C 85 15.71 -10.28 32.35
N PRO C 86 15.99 -11.61 32.20
CA PRO C 86 17.35 -12.14 32.43
C PRO C 86 18.52 -11.46 31.71
N PRO C 87 18.30 -10.97 30.46
CA PRO C 87 19.37 -10.17 29.83
C PRO C 87 19.68 -8.88 30.61
N MET C 88 18.64 -8.16 31.03
CA MET C 88 18.80 -6.92 31.80
C MET C 88 19.27 -7.12 33.24
N GLY C 89 19.07 -8.32 33.80
CA GLY C 89 19.45 -8.61 35.17
C GLY C 89 18.62 -7.87 36.20
N GLY C 90 17.34 -7.67 35.88
CA GLY C 90 16.43 -6.89 36.72
C GLY C 90 15.05 -6.75 36.12
N TYR C 91 14.21 -5.96 36.77
CA TYR C 91 12.82 -5.76 36.34
C TYR C 91 12.71 -4.60 35.36
N CYS C 92 11.79 -4.75 34.39
CA CYS C 92 11.57 -3.76 33.35
C CYS C 92 10.09 -3.46 33.18
N ILE C 93 9.76 -2.18 32.97
CA ILE C 93 8.39 -1.76 32.68
C ILE C 93 8.28 -1.58 31.16
N GLU C 94 7.38 -2.36 30.54
CA GLU C 94 7.26 -2.44 29.07
C GLU C 94 5.80 -2.44 28.63
N PHE C 95 5.60 -2.27 27.33
CA PHE C 95 4.30 -2.54 26.70
C PHE C 95 4.09 -4.06 26.71
N PRO C 96 2.83 -4.52 26.89
CA PRO C 96 2.53 -5.95 26.69
C PRO C 96 2.97 -6.40 25.31
N ALA C 97 3.69 -7.52 25.23
CA ALA C 97 4.37 -7.92 24.00
C ALA C 97 4.73 -9.40 23.97
N GLY C 98 5.02 -9.89 22.77
CA GLY C 98 5.44 -11.29 22.57
C GLY C 98 5.51 -11.68 21.11
N LEU C 99 6.02 -12.87 20.84
CA LEU C 99 6.25 -13.34 19.47
C LEU C 99 4.94 -13.74 18.77
N ILE C 100 4.96 -13.62 17.44
CA ILE C 100 3.85 -14.06 16.59
C ILE C 100 4.00 -15.56 16.35
N ASP C 101 2.93 -16.31 16.55
CA ASP C 101 2.92 -17.76 16.29
C ASP C 101 2.84 -18.05 14.79
N ASP C 102 3.10 -19.31 14.42
CA ASP C 102 3.08 -19.74 13.02
C ASP C 102 1.65 -19.68 12.46
N GLY C 103 1.46 -18.89 11.41
CA GLY C 103 0.15 -18.71 10.77
C GLY C 103 -0.68 -17.54 11.31
N GLU C 104 -0.39 -17.09 12.53
CA GLU C 104 -1.15 -16.03 13.18
C GLU C 104 -0.81 -14.65 12.60
N THR C 105 -1.83 -13.80 12.49
CA THR C 105 -1.67 -12.43 12.02
C THR C 105 -1.27 -11.51 13.20
N PRO C 106 -0.58 -10.37 12.94
CA PRO C 106 -0.16 -9.49 14.04
C PRO C 106 -1.27 -8.94 14.95
N GLU C 107 -2.46 -8.71 14.40
CA GLU C 107 -3.59 -8.18 15.19
C GLU C 107 -4.13 -9.21 16.19
N ALA C 108 -4.14 -10.48 15.80
CA ALA C 108 -4.57 -11.58 16.67
C ALA C 108 -3.54 -11.88 17.76
N ALA C 109 -2.26 -11.74 17.42
CA ALA C 109 -1.16 -11.86 18.39
C ALA C 109 -1.19 -10.76 19.46
N ALA C 110 -1.60 -9.55 19.05
CA ALA C 110 -1.72 -8.41 19.96
C ALA C 110 -2.81 -8.61 21.00
N LEU C 111 -4.01 -8.97 20.54
CA LEU C 111 -5.15 -9.25 21.42
C LEU C 111 -4.91 -10.48 22.31
N ARG C 112 -4.20 -11.48 21.78
CA ARG C 112 -3.81 -12.66 22.54
C ARG C 112 -2.80 -12.32 23.62
N GLU C 113 -1.72 -11.65 23.24
CA GLU C 113 -0.65 -11.28 24.18
C GLU C 113 -1.13 -10.29 25.24
N LEU C 114 -2.01 -9.37 24.86
CA LEU C 114 -2.65 -8.46 25.80
C LEU C 114 -3.45 -9.24 26.85
N GLU C 115 -4.28 -10.17 26.38
CA GLU C 115 -5.09 -11.00 27.28
C GLU C 115 -4.26 -11.94 28.16
N GLU C 116 -3.21 -12.54 27.59
CA GLU C 116 -2.32 -13.43 28.35
C GLU C 116 -1.57 -12.72 29.47
N GLU C 117 -1.00 -11.55 29.16
CA GLU C 117 -0.12 -10.84 30.09
C GLU C 117 -0.84 -9.88 31.06
N THR C 118 -1.96 -9.30 30.62
CA THR C 118 -2.73 -8.34 31.43
C THR C 118 -4.11 -8.84 31.90
N GLY C 119 -4.73 -9.74 31.13
CA GLY C 119 -6.09 -10.22 31.40
C GLY C 119 -7.19 -9.49 30.63
N TYR C 120 -6.86 -8.35 30.02
CA TYR C 120 -7.86 -7.51 29.35
C TYR C 120 -8.24 -8.04 27.97
N LYS C 121 -9.52 -7.88 27.63
CA LYS C 121 -10.03 -8.18 26.30
C LYS C 121 -10.19 -6.87 25.54
N GLY C 122 -9.40 -6.69 24.48
CA GLY C 122 -9.31 -5.42 23.77
C GLY C 122 -9.81 -5.47 22.33
N ASP C 123 -9.88 -4.29 21.73
CA ASP C 123 -10.32 -4.10 20.35
C ASP C 123 -9.24 -3.34 19.59
N ILE C 124 -8.98 -3.75 18.34
CA ILE C 124 -7.90 -3.15 17.54
C ILE C 124 -8.29 -1.72 17.13
N ALA C 125 -7.37 -0.78 17.35
CA ALA C 125 -7.49 0.60 16.85
C ALA C 125 -6.60 0.80 15.62
N GLU C 126 -5.31 0.47 15.77
CA GLU C 126 -4.32 0.56 14.69
C GLU C 126 -3.32 -0.59 14.76
N CYS C 127 -2.71 -0.88 13.61
CA CYS C 127 -1.55 -1.76 13.53
C CYS C 127 -0.48 -1.08 12.67
N SER C 128 0.70 -0.90 13.24
CA SER C 128 1.83 -0.32 12.51
C SER C 128 2.40 -1.33 11.51
N PRO C 129 3.24 -0.89 10.57
CA PRO C 129 4.00 -1.86 9.77
C PRO C 129 5.14 -2.47 10.62
N ALA C 130 5.89 -3.39 10.02
CA ALA C 130 7.02 -4.00 10.71
C ALA C 130 8.08 -2.94 11.01
N VAL C 131 8.37 -2.74 12.29
CA VAL C 131 9.34 -1.74 12.75
C VAL C 131 10.46 -2.41 13.56
N CYS C 132 11.69 -1.91 13.40
CA CYS C 132 12.87 -2.57 13.94
C CYS C 132 13.12 -2.22 15.41
N MET C 133 13.64 -3.19 16.16
CA MET C 133 13.85 -3.05 17.61
C MET C 133 15.20 -2.44 17.96
N ASP C 134 16.27 -2.92 17.33
CA ASP C 134 17.60 -2.39 17.52
C ASP C 134 18.38 -2.59 16.21
N PRO C 135 18.16 -1.68 15.22
CA PRO C 135 18.60 -1.90 13.83
C PRO C 135 20.12 -2.02 13.63
N GLY C 136 20.91 -1.38 14.49
CA GLY C 136 22.38 -1.55 14.51
C GLY C 136 22.88 -2.58 15.50
N LEU C 137 22.23 -3.75 15.52
CA LEU C 137 22.58 -4.84 16.44
C LEU C 137 21.91 -6.14 16.00
N SER C 138 20.58 -6.13 15.93
CA SER C 138 19.77 -7.30 15.50
C SER C 138 18.89 -6.98 14.30
N ASN C 139 18.28 -8.03 13.74
CA ASN C 139 17.28 -7.90 12.65
C ASN C 139 15.84 -7.90 13.18
N CYS C 140 15.67 -7.86 14.51
CA CYS C 140 14.36 -8.09 15.13
C CYS C 140 13.37 -6.98 14.83
N THR C 141 12.15 -7.37 14.47
CA THR C 141 11.08 -6.43 14.13
C THR C 141 9.79 -6.76 14.89
N ILE C 142 8.94 -5.76 15.03
CA ILE C 142 7.61 -5.91 15.64
C ILE C 142 6.57 -5.04 14.94
N HIS C 143 5.30 -5.36 15.17
CA HIS C 143 4.19 -4.46 14.86
C HIS C 143 3.71 -3.82 16.16
N ILE C 144 3.66 -2.49 16.20
CA ILE C 144 3.10 -1.77 17.33
C ILE C 144 1.60 -1.64 17.12
N VAL C 145 0.82 -2.34 17.94
CA VAL C 145 -0.63 -2.43 17.80
C VAL C 145 -1.32 -1.60 18.89
N THR C 146 -2.04 -0.56 18.49
CA THR C 146 -2.84 0.25 19.42
C THR C 146 -4.17 -0.45 19.67
N VAL C 147 -4.46 -0.72 20.95
CA VAL C 147 -5.65 -1.49 21.35
C VAL C 147 -6.43 -0.71 22.40
N THR C 148 -7.73 -0.51 22.15
CA THR C 148 -8.62 0.08 23.14
C THR C 148 -9.23 -1.02 24.00
N ILE C 149 -9.36 -0.75 25.30
CA ILE C 149 -9.97 -1.68 26.24
C ILE C 149 -11.16 -0.98 26.88
N ASN C 150 -12.37 -1.51 26.65
CA ASN C 150 -13.56 -1.03 27.34
C ASN C 150 -13.50 -1.51 28.79
N GLY C 151 -13.02 -0.64 29.67
CA GLY C 151 -12.91 -0.92 31.10
C GLY C 151 -14.23 -1.00 31.85
N ASP C 152 -15.32 -0.54 31.24
CA ASP C 152 -16.65 -0.62 31.86
C ASP C 152 -17.43 -1.89 31.48
N ASP C 153 -17.00 -2.62 30.46
CA ASP C 153 -17.69 -3.85 30.05
C ASP C 153 -17.49 -4.93 31.13
N ALA C 154 -18.50 -5.79 31.29
CA ALA C 154 -18.50 -6.83 32.32
C ALA C 154 -17.33 -7.82 32.20
N GLU C 155 -16.93 -8.14 30.97
CA GLU C 155 -15.84 -9.09 30.71
C GLU C 155 -14.46 -8.60 31.18
N ASN C 156 -14.27 -7.28 31.26
CA ASN C 156 -13.03 -6.68 31.79
C ASN C 156 -13.13 -6.25 33.27
N ALA C 157 -14.14 -6.75 33.99
CA ALA C 157 -14.35 -6.37 35.40
C ALA C 157 -13.25 -6.89 36.31
N ARG C 158 -12.96 -8.19 36.20
CA ARG C 158 -11.91 -8.85 36.97
C ARG C 158 -10.85 -9.42 36.02
N PRO C 159 -9.94 -8.55 35.52
CA PRO C 159 -8.92 -9.02 34.57
C PRO C 159 -7.87 -9.91 35.22
N LYS C 160 -7.92 -11.21 34.91
CA LYS C 160 -6.97 -12.19 35.41
C LYS C 160 -5.99 -12.56 34.31
N PRO C 161 -4.69 -12.23 34.47
CA PRO C 161 -3.69 -12.70 33.49
C PRO C 161 -3.56 -14.22 33.47
N LYS C 162 -3.43 -14.78 32.26
CA LYS C 162 -3.17 -16.20 32.06
C LYS C 162 -1.84 -16.34 31.32
N PRO C 163 -0.71 -16.14 32.02
CA PRO C 163 0.59 -16.11 31.36
C PRO C 163 1.11 -17.49 31.00
N GLY C 164 2.00 -17.54 30.01
CA GLY C 164 2.59 -18.79 29.54
C GLY C 164 3.62 -19.37 30.49
N ASP C 165 4.21 -20.50 30.09
CA ASP C 165 5.24 -21.18 30.88
C ASP C 165 6.55 -20.40 30.78
N GLY C 166 7.15 -20.10 31.93
CA GLY C 166 8.33 -19.26 32.01
C GLY C 166 8.05 -17.78 31.78
N GLU C 167 6.88 -17.33 32.23
CA GLU C 167 6.47 -15.92 32.14
C GLU C 167 5.68 -15.53 33.39
N PHE C 168 6.14 -14.48 34.07
CA PHE C 168 5.49 -13.98 35.29
C PHE C 168 5.36 -12.46 35.18
N VAL C 169 4.13 -11.97 35.09
CA VAL C 169 3.82 -10.59 34.72
C VAL C 169 3.01 -9.89 35.81
N GLU C 170 3.36 -8.64 36.08
CA GLU C 170 2.61 -7.75 36.97
C GLU C 170 2.09 -6.58 36.15
N VAL C 171 0.82 -6.24 36.34
CA VAL C 171 0.16 -5.19 35.55
C VAL C 171 0.25 -3.85 36.29
N ILE C 172 0.64 -2.80 35.56
CA ILE C 172 0.72 -1.43 36.08
C ILE C 172 0.01 -0.49 35.10
N SER C 173 -1.18 -0.02 35.47
CA SER C 173 -1.93 0.95 34.66
C SER C 173 -1.74 2.37 35.18
N LEU C 174 -1.22 3.25 34.32
CA LEU C 174 -0.94 4.64 34.70
C LEU C 174 -1.74 5.61 33.82
N PRO C 175 -2.13 6.79 34.37
CA PRO C 175 -2.90 7.72 33.54
C PRO C 175 -2.14 8.24 32.32
N LYS C 176 -2.83 8.34 31.19
CA LYS C 176 -2.24 8.84 29.95
C LYS C 176 -1.81 10.31 30.09
N ASN C 177 -2.66 11.11 30.75
CA ASN C 177 -2.38 12.54 30.97
C ASN C 177 -1.27 12.86 31.99
N ASP C 178 -0.68 11.85 32.62
CA ASP C 178 0.43 12.04 33.56
C ASP C 178 1.42 10.85 33.52
N LEU C 179 1.66 10.32 32.32
CA LEU C 179 2.43 9.07 32.17
C LEU C 179 3.91 9.19 32.53
N LEU C 180 4.57 10.22 32.00
CA LEU C 180 6.01 10.40 32.21
C LEU C 180 6.36 10.59 33.69
N GLN C 181 5.63 11.48 34.35
CA GLN C 181 5.82 11.75 35.79
C GLN C 181 5.58 10.53 36.67
N ARG C 182 4.55 9.74 36.33
CA ARG C 182 4.25 8.51 37.07
C ARG C 182 5.29 7.40 36.83
N LEU C 183 5.84 7.32 35.62
CA LEU C 183 6.96 6.41 35.33
C LEU C 183 8.22 6.79 36.11
N ASP C 184 8.50 8.10 36.22
CA ASP C 184 9.62 8.60 37.03
C ASP C 184 9.46 8.27 38.52
N ALA C 185 8.22 8.30 39.01
CA ALA C 185 7.92 7.95 40.41
C ALA C 185 8.20 6.48 40.72
N LEU C 186 7.91 5.59 39.77
CA LEU C 186 8.22 4.16 39.91
C LEU C 186 9.73 3.87 39.87
N VAL C 187 10.46 4.62 39.04
CA VAL C 187 11.93 4.51 38.95
C VAL C 187 12.60 5.00 40.25
N ALA C 188 12.02 6.01 40.89
CA ALA C 188 12.53 6.52 42.17
C ALA C 188 12.30 5.53 43.32
N GLU C 189 11.14 4.87 43.32
CA GLU C 189 10.77 3.92 44.38
C GLU C 189 11.54 2.60 44.32
N GLU C 190 11.69 2.05 43.11
CA GLU C 190 12.30 0.73 42.91
C GLU C 190 13.40 0.77 41.85
N HIS C 191 14.36 -0.16 41.97
CA HIS C 191 15.38 -0.35 40.93
C HIS C 191 14.75 -1.10 39.76
N LEU C 192 14.34 -0.35 38.74
CA LEU C 192 13.74 -0.91 37.53
C LEU C 192 13.97 0.00 36.31
N THR C 193 13.88 -0.60 35.13
CA THR C 193 14.17 0.07 33.87
C THR C 193 12.89 0.24 33.07
N VAL C 194 12.61 1.47 32.64
CA VAL C 194 11.48 1.75 31.75
C VAL C 194 11.91 1.38 30.32
N ASP C 195 10.99 0.83 29.53
CA ASP C 195 11.28 0.49 28.14
C ASP C 195 11.43 1.74 27.27
N ALA C 196 12.32 1.67 26.28
CA ALA C 196 12.61 2.80 25.39
C ALA C 196 11.40 3.25 24.55
N ARG C 197 10.57 2.30 24.14
CA ARG C 197 9.32 2.62 23.42
C ARG C 197 8.29 3.26 24.34
N VAL C 198 8.17 2.74 25.56
CA VAL C 198 7.27 3.31 26.56
C VAL C 198 7.67 4.74 26.90
N TYR C 199 8.97 4.97 27.10
CA TYR C 199 9.47 6.30 27.46
C TYR C 199 9.34 7.31 26.31
N SER C 200 9.58 6.85 25.08
CA SER C 200 9.39 7.69 23.89
C SER C 200 7.93 8.12 23.76
N TYR C 201 7.03 7.15 23.96
CA TYR C 201 5.59 7.39 23.98
C TYR C 201 5.20 8.43 25.05
N ALA C 202 5.74 8.26 26.26
CA ALA C 202 5.44 9.18 27.37
C ALA C 202 5.97 10.60 27.15
N LEU C 203 7.15 10.72 26.54
CA LEU C 203 7.71 12.03 26.18
C LEU C 203 6.81 12.78 25.20
N ALA C 204 6.40 12.10 24.13
CA ALA C 204 5.51 12.67 23.12
C ALA C 204 4.16 13.15 23.67
N LEU C 205 3.59 12.41 24.62
CA LEU C 205 2.37 12.84 25.34
C LEU C 205 2.58 14.19 26.05
N LYS C 206 3.75 14.33 26.70
CA LYS C 206 4.13 15.59 27.34
C LYS C 206 4.44 16.68 26.32
N HIS C 207 5.14 16.32 25.24
CA HIS C 207 5.54 17.28 24.20
C HIS C 207 4.37 17.77 23.33
N ALA C 208 3.36 16.91 23.13
CA ALA C 208 2.16 17.30 22.37
C ALA C 208 1.35 18.34 23.13
N LYS D 15 12.84 -10.98 44.23
CA LYS D 15 12.26 -12.33 44.01
C LYS D 15 13.10 -13.15 43.03
N GLN D 16 13.31 -12.59 41.84
CA GLN D 16 14.14 -13.22 40.80
C GLN D 16 15.52 -12.56 40.74
N TYR D 17 16.51 -13.31 40.28
CA TYR D 17 17.90 -12.84 40.24
C TYR D 17 18.78 -13.63 39.28
N ILE D 18 19.93 -13.04 38.92
CA ILE D 18 20.90 -13.68 38.04
C ILE D 18 21.80 -14.61 38.85
N ILE D 19 21.93 -15.85 38.37
CA ILE D 19 22.76 -16.88 39.02
C ILE D 19 24.16 -16.93 38.40
N SER D 20 24.23 -16.95 37.07
CA SER D 20 25.51 -17.00 36.35
C SER D 20 25.38 -16.54 34.90
N GLU D 21 26.52 -16.18 34.30
CA GLU D 21 26.58 -15.71 32.92
C GLU D 21 27.64 -16.51 32.14
N GLU D 22 27.24 -17.68 31.67
CA GLU D 22 28.12 -18.55 30.86
C GLU D 22 28.29 -17.96 29.47
N LEU D 23 29.54 -17.67 29.08
CA LEU D 23 29.84 -17.12 27.77
C LEU D 23 29.78 -18.23 26.72
N ILE D 24 28.86 -18.10 25.76
CA ILE D 24 28.68 -19.07 24.68
C ILE D 24 29.64 -18.74 23.53
N SER D 25 29.57 -17.49 23.07
CA SER D 25 30.40 -17.04 21.94
C SER D 25 30.59 -15.52 21.95
N GLU D 26 31.84 -15.09 22.12
CA GLU D 26 32.20 -13.67 22.03
C GLU D 26 32.41 -13.27 20.57
N GLY D 27 32.68 -11.99 20.35
CA GLY D 27 32.92 -11.45 19.01
C GLY D 27 33.69 -10.14 19.00
N LYS D 28 33.56 -9.39 17.92
CA LYS D 28 34.24 -8.09 17.78
C LYS D 28 33.61 -7.05 18.69
N TRP D 29 32.29 -6.88 18.55
CA TRP D 29 31.52 -5.93 19.38
C TRP D 29 30.15 -6.51 19.77
N VAL D 30 30.12 -7.81 20.08
CA VAL D 30 28.88 -8.50 20.45
C VAL D 30 29.18 -9.88 21.03
N LYS D 31 28.53 -10.22 22.15
CA LYS D 31 28.74 -11.48 22.86
C LYS D 31 27.41 -12.17 23.16
N LEU D 32 27.39 -13.48 22.98
CA LEU D 32 26.23 -14.32 23.30
C LEU D 32 26.50 -15.07 24.60
N GLU D 33 25.56 -14.99 25.55
CA GLU D 33 25.69 -15.64 26.85
C GLU D 33 24.45 -16.47 27.19
N LYS D 34 24.67 -17.55 27.95
CA LYS D 34 23.58 -18.37 28.48
C LYS D 34 23.32 -17.98 29.94
N THR D 35 22.50 -16.94 30.11
CA THR D 35 22.21 -16.38 31.43
C THR D 35 21.30 -17.31 32.24
N THR D 36 21.84 -17.89 33.30
CA THR D 36 21.08 -18.72 34.24
C THR D 36 20.47 -17.82 35.31
N TYR D 37 19.18 -18.01 35.59
CA TYR D 37 18.46 -17.17 36.56
C TYR D 37 17.43 -17.97 37.35
N MET D 38 17.03 -17.41 38.50
CA MET D 38 16.02 -18.01 39.38
C MET D 38 14.67 -17.35 39.13
N ASP D 39 13.64 -18.16 38.91
CA ASP D 39 12.27 -17.68 38.68
C ASP D 39 11.56 -17.50 40.04
N PRO D 40 10.35 -16.90 40.07
CA PRO D 40 9.74 -16.58 41.37
C PRO D 40 9.21 -17.79 42.16
N THR D 41 8.90 -18.90 41.50
CA THR D 41 8.47 -20.13 42.19
C THR D 41 9.65 -20.81 42.91
N GLY D 42 10.82 -20.81 42.27
CA GLY D 42 12.03 -21.45 42.80
C GLY D 42 12.52 -22.54 41.87
N LYS D 43 12.86 -22.14 40.65
CA LYS D 43 13.26 -23.06 39.58
C LYS D 43 14.35 -22.38 38.74
N THR D 44 15.43 -23.11 38.50
CA THR D 44 16.55 -22.60 37.70
C THR D 44 16.22 -22.69 36.22
N ARG D 45 16.12 -21.52 35.57
CA ARG D 45 15.86 -21.41 34.13
C ARG D 45 17.03 -20.73 33.44
N THR D 46 17.28 -21.11 32.20
CA THR D 46 18.30 -20.49 31.35
C THR D 46 17.65 -19.46 30.41
N TRP D 47 18.47 -18.54 29.91
CA TRP D 47 18.02 -17.52 28.96
C TRP D 47 19.21 -17.07 28.12
N GLU D 48 19.08 -17.21 26.79
CA GLU D 48 20.17 -16.85 25.87
C GLU D 48 20.19 -15.34 25.66
N SER D 49 21.03 -14.67 26.44
CA SER D 49 21.10 -13.20 26.48
C SER D 49 22.22 -12.67 25.58
N VAL D 50 21.94 -11.56 24.90
CA VAL D 50 22.89 -10.87 24.03
C VAL D 50 23.49 -9.69 24.79
N LYS D 51 24.78 -9.45 24.59
CA LYS D 51 25.48 -8.32 25.20
C LYS D 51 26.45 -7.65 24.23
N ARG D 52 26.59 -6.33 24.34
CA ARG D 52 27.57 -5.57 23.58
C ARG D 52 28.84 -5.42 24.40
N THR D 53 29.99 -5.68 23.78
CA THR D 53 31.29 -5.58 24.45
C THR D 53 31.96 -4.24 24.12
N THR D 54 31.36 -3.16 24.61
CA THR D 54 31.86 -1.80 24.37
C THR D 54 31.19 -0.77 25.28
N ALA D 60 24.92 3.60 30.35
CA ALA D 60 24.24 2.92 29.26
C ALA D 60 25.18 2.58 28.10
N ASP D 61 24.68 1.81 27.13
CA ASP D 61 25.45 1.44 25.94
C ASP D 61 25.60 2.61 24.97
N GLY D 62 24.51 3.35 24.75
CA GLY D 62 24.50 4.47 23.82
C GLY D 62 23.51 5.57 24.16
N VAL D 63 23.20 6.38 23.15
CA VAL D 63 22.23 7.47 23.26
C VAL D 63 21.35 7.52 22.01
N ALA D 64 20.18 8.12 22.15
CA ALA D 64 19.28 8.42 21.03
C ALA D 64 18.69 9.81 21.25
N VAL D 65 18.82 10.69 20.25
CA VAL D 65 18.40 12.07 20.37
C VAL D 65 17.04 12.27 19.69
N ILE D 66 16.12 12.93 20.37
CA ILE D 66 14.85 13.40 19.78
C ILE D 66 15.03 14.89 19.47
N PRO D 67 15.43 15.26 18.24
CA PRO D 67 15.75 16.65 17.95
C PRO D 67 14.56 17.42 17.39
N VAL D 68 14.13 18.47 18.09
CA VAL D 68 13.00 19.30 17.70
C VAL D 68 13.51 20.58 17.01
N LEU D 69 13.39 20.62 15.69
CA LEU D 69 13.76 21.80 14.91
C LEU D 69 12.66 22.87 15.01
N GLN D 70 12.99 23.99 15.67
CA GLN D 70 12.02 25.05 15.98
C GLN D 70 12.36 26.38 15.30
N ARG D 71 11.33 27.19 15.06
CA ARG D 71 11.46 28.57 14.56
C ARG D 71 10.32 29.44 15.11
N THR D 72 10.59 30.73 15.29
CA THR D 72 9.57 31.68 15.76
C THR D 72 8.55 31.98 14.66
N LEU D 73 7.29 32.15 15.04
CA LEU D 73 6.17 32.34 14.11
C LEU D 73 6.05 31.21 13.06
N HIS D 74 6.37 29.98 13.49
CA HIS D 74 6.45 28.81 12.60
C HIS D 74 6.03 27.51 13.31
N TYR D 75 5.93 26.43 12.53
CA TYR D 75 5.69 25.08 13.06
C TYR D 75 7.00 24.46 13.59
N GLU D 76 6.90 23.26 14.17
CA GLU D 76 8.05 22.49 14.65
C GLU D 76 8.23 21.22 13.80
N CYS D 77 9.49 20.83 13.58
CA CYS D 77 9.85 19.60 12.87
C CYS D 77 10.63 18.64 13.75
N ILE D 78 10.65 17.36 13.36
CA ILE D 78 11.41 16.31 14.04
C ILE D 78 12.47 15.77 13.07
N VAL D 79 13.74 15.85 13.46
CA VAL D 79 14.86 15.46 12.60
C VAL D 79 15.20 13.97 12.79
N LEU D 80 15.19 13.22 11.70
CA LEU D 80 15.53 11.79 11.69
C LEU D 80 16.71 11.53 10.76
N VAL D 81 17.21 10.31 10.77
CA VAL D 81 18.34 9.90 9.92
C VAL D 81 18.05 8.58 9.21
N LYS D 82 18.47 8.50 7.95
CA LYS D 82 18.38 7.27 7.14
C LYS D 82 19.77 6.71 6.93
N GLN D 83 19.93 5.40 7.11
CA GLN D 83 21.21 4.72 6.93
C GLN D 83 21.05 3.22 6.73
N PHE D 84 21.99 2.62 5.99
CA PHE D 84 22.01 1.18 5.77
C PHE D 84 22.40 0.46 7.07
N ARG D 85 21.65 -0.59 7.41
CA ARG D 85 21.87 -1.35 8.63
C ARG D 85 22.05 -2.84 8.28
N PRO D 86 23.31 -3.32 8.29
CA PRO D 86 23.63 -4.72 7.93
C PRO D 86 22.89 -5.84 8.68
N PRO D 87 22.56 -5.64 9.99
CA PRO D 87 21.72 -6.65 10.66
C PRO D 87 20.32 -6.80 10.04
N MET D 88 19.68 -5.66 9.74
CA MET D 88 18.37 -5.66 9.09
C MET D 88 18.42 -6.08 7.62
N GLY D 89 19.55 -5.83 6.95
CA GLY D 89 19.71 -6.13 5.53
C GLY D 89 19.01 -5.10 4.67
N GLY D 90 19.19 -3.82 5.01
CA GLY D 90 18.53 -2.72 4.33
C GLY D 90 18.53 -1.43 5.12
N TYR D 91 17.85 -0.42 4.60
CA TYR D 91 17.86 0.94 5.19
C TYR D 91 16.79 1.09 6.28
N CYS D 92 17.11 1.92 7.28
CA CYS D 92 16.21 2.20 8.40
C CYS D 92 16.13 3.70 8.70
N ILE D 93 14.94 4.18 9.09
CA ILE D 93 14.76 5.54 9.57
C ILE D 93 14.74 5.50 11.10
N GLU D 94 15.66 6.23 11.73
CA GLU D 94 15.84 6.23 13.19
C GLU D 94 15.97 7.64 13.72
N PHE D 95 15.92 7.77 15.05
CA PHE D 95 16.44 8.95 15.73
C PHE D 95 17.97 8.92 15.61
N PRO D 96 18.61 10.11 15.55
CA PRO D 96 20.09 10.15 15.61
C PRO D 96 20.63 9.45 16.86
N ALA D 97 21.50 8.46 16.65
CA ALA D 97 21.95 7.58 17.74
C ALA D 97 23.37 7.03 17.56
N GLY D 98 23.97 6.64 18.68
CA GLY D 98 25.34 6.11 18.71
C GLY D 98 25.81 5.78 20.13
N LEU D 99 26.94 5.10 20.22
CA LEU D 99 27.51 4.66 21.50
C LEU D 99 28.19 5.82 22.23
N ILE D 100 28.12 5.80 23.57
CA ILE D 100 28.74 6.84 24.41
C ILE D 100 30.23 6.54 24.56
N ASP D 101 31.05 7.58 24.44
CA ASP D 101 32.50 7.47 24.63
C ASP D 101 32.84 7.40 26.12
N ASP D 102 33.97 6.77 26.44
CA ASP D 102 34.40 6.58 27.83
C ASP D 102 34.77 7.91 28.49
N GLY D 103 33.98 8.32 29.48
CA GLY D 103 34.18 9.60 30.19
C GLY D 103 33.13 10.66 29.89
N GLU D 104 32.49 10.58 28.73
CA GLU D 104 31.52 11.58 28.28
C GLU D 104 30.20 11.48 29.05
N THR D 105 29.69 12.62 29.51
CA THR D 105 28.40 12.70 30.20
C THR D 105 27.24 12.57 29.17
N PRO D 106 26.09 11.97 29.56
CA PRO D 106 25.01 11.70 28.58
C PRO D 106 24.44 12.90 27.82
N GLU D 107 24.44 14.08 28.44
CA GLU D 107 23.98 15.31 27.78
C GLU D 107 24.93 15.74 26.66
N ALA D 108 26.23 15.61 26.91
CA ALA D 108 27.27 15.94 25.92
C ALA D 108 27.27 14.96 24.74
N ALA D 109 27.01 13.69 25.01
CA ALA D 109 26.92 12.66 23.96
C ALA D 109 25.78 12.92 22.95
N ALA D 110 24.68 13.49 23.44
CA ALA D 110 23.55 13.85 22.58
C ALA D 110 23.80 15.14 21.81
N LEU D 111 24.19 16.20 22.52
CA LEU D 111 24.43 17.52 21.92
C LEU D 111 25.58 17.54 20.90
N ARG D 112 26.66 16.82 21.21
CA ARG D 112 27.80 16.71 20.30
C ARG D 112 27.42 15.94 19.04
N GLU D 113 26.83 14.76 19.23
CA GLU D 113 26.43 13.90 18.11
C GLU D 113 25.28 14.47 17.28
N LEU D 114 24.43 15.32 17.89
CA LEU D 114 23.42 16.07 17.16
C LEU D 114 24.06 17.21 16.36
N GLU D 115 24.93 17.98 17.02
CA GLU D 115 25.68 19.06 16.36
C GLU D 115 26.61 18.54 15.26
N GLU D 116 27.09 17.30 15.39
CA GLU D 116 27.88 16.66 14.33
C GLU D 116 27.01 16.22 13.15
N GLU D 117 25.92 15.51 13.44
CA GLU D 117 25.10 14.87 12.40
C GLU D 117 24.07 15.80 11.74
N THR D 118 23.39 16.61 12.54
CA THR D 118 22.38 17.56 12.03
C THR D 118 22.94 18.97 11.79
N GLY D 119 23.86 19.41 12.65
CA GLY D 119 24.50 20.72 12.53
C GLY D 119 24.03 21.78 13.51
N TYR D 120 22.88 21.55 14.15
CA TYR D 120 22.25 22.57 14.99
C TYR D 120 22.85 22.61 16.40
N LYS D 121 23.33 23.79 16.81
CA LYS D 121 23.74 24.04 18.19
C LYS D 121 22.50 24.22 19.08
N GLY D 122 21.98 23.11 19.58
CA GLY D 122 20.75 23.10 20.39
C GLY D 122 20.95 23.41 21.86
N ASP D 123 19.93 23.10 22.65
CA ASP D 123 19.95 23.30 24.10
C ASP D 123 19.23 22.14 24.80
N ILE D 124 19.63 21.86 26.04
CA ILE D 124 19.09 20.72 26.80
C ILE D 124 17.68 21.05 27.31
N ALA D 125 16.69 20.35 26.78
CA ALA D 125 15.33 20.39 27.32
C ALA D 125 15.23 19.44 28.51
N GLU D 126 15.57 18.18 28.28
CA GLU D 126 15.53 17.15 29.32
C GLU D 126 16.31 15.90 28.92
N CYS D 127 16.67 15.10 29.93
CA CYS D 127 17.39 13.83 29.73
C CYS D 127 16.73 12.73 30.55
N SER D 128 16.56 11.56 29.94
CA SER D 128 15.95 10.42 30.60
C SER D 128 16.99 9.64 31.40
N PRO D 129 16.54 8.75 32.31
CA PRO D 129 17.44 7.72 32.83
C PRO D 129 17.66 6.62 31.79
N ALA D 130 18.51 5.65 32.10
CA ALA D 130 18.79 4.54 31.18
C ALA D 130 17.52 3.74 30.91
N VAL D 131 17.24 3.50 29.62
CA VAL D 131 16.05 2.75 29.19
C VAL D 131 16.46 1.60 28.26
N CYS D 132 15.79 0.46 28.39
CA CYS D 132 16.17 -0.77 27.70
C CYS D 132 15.63 -0.84 26.27
N MET D 133 16.39 -1.48 25.38
CA MET D 133 16.07 -1.54 23.96
C MET D 133 15.19 -2.74 23.62
N ASP D 134 15.69 -3.94 23.92
CA ASP D 134 14.98 -5.18 23.64
C ASP D 134 15.28 -6.14 24.80
N PRO D 135 14.65 -5.88 25.97
CA PRO D 135 15.03 -6.56 27.22
C PRO D 135 14.80 -8.08 27.23
N GLY D 136 13.89 -8.58 26.40
CA GLY D 136 13.73 -10.02 26.20
C GLY D 136 14.87 -10.69 25.45
N LEU D 137 15.64 -9.91 24.69
CA LEU D 137 16.78 -10.39 23.91
C LEU D 137 18.12 -10.00 24.53
N SER D 138 18.34 -8.69 24.69
CA SER D 138 19.65 -8.15 25.09
C SER D 138 19.60 -7.29 26.35
N ASN D 139 20.80 -6.98 26.87
CA ASN D 139 20.96 -6.06 28.01
C ASN D 139 21.14 -4.59 27.58
N CYS D 140 21.03 -4.31 26.27
CA CYS D 140 21.36 -3.01 25.71
C CYS D 140 20.41 -1.92 26.21
N THR D 141 21.00 -0.79 26.63
CA THR D 141 20.24 0.35 27.14
C THR D 141 20.75 1.65 26.50
N ILE D 142 19.89 2.67 26.51
CA ILE D 142 20.25 4.01 26.03
C ILE D 142 19.65 5.10 26.91
N HIS D 143 20.13 6.33 26.73
CA HIS D 143 19.49 7.53 27.28
C HIS D 143 18.80 8.26 26.13
N ILE D 144 17.52 8.58 26.30
CA ILE D 144 16.75 9.36 25.33
C ILE D 144 16.82 10.83 25.73
N VAL D 145 17.45 11.65 24.88
CA VAL D 145 17.70 13.06 25.17
C VAL D 145 16.91 13.96 24.23
N THR D 146 16.11 14.87 24.79
CA THR D 146 15.36 15.86 24.03
C THR D 146 16.20 17.12 23.86
N VAL D 147 16.17 17.73 22.68
CA VAL D 147 16.98 18.91 22.36
C VAL D 147 16.15 20.00 21.66
N THR D 148 16.01 21.15 22.31
CA THR D 148 15.31 22.31 21.75
C THR D 148 16.31 23.28 21.09
N ILE D 149 16.00 23.71 19.85
CA ILE D 149 16.90 24.55 19.05
C ILE D 149 16.35 25.98 18.98
N ASN D 150 17.24 26.96 19.00
CA ASN D 150 16.88 28.38 18.89
C ASN D 150 17.04 28.82 17.43
N GLY D 151 15.96 28.74 16.66
CA GLY D 151 15.97 29.06 15.23
C GLY D 151 16.20 30.51 14.85
N ASP D 152 15.95 31.43 15.81
CA ASP D 152 16.23 32.86 15.61
C ASP D 152 17.73 33.18 15.63
N ASP D 153 18.53 32.33 16.27
CA ASP D 153 19.99 32.51 16.33
C ASP D 153 20.65 32.35 14.96
N ALA D 154 21.72 33.11 14.73
CA ALA D 154 22.45 33.10 13.46
C ALA D 154 23.22 31.79 13.22
N GLU D 155 23.72 31.18 14.30
CA GLU D 155 24.37 29.86 14.23
C GLU D 155 23.44 28.74 13.73
N ASN D 156 22.14 28.87 14.05
CA ASN D 156 21.12 27.93 13.58
C ASN D 156 20.33 28.45 12.36
N ALA D 157 20.95 29.29 11.54
CA ALA D 157 20.28 29.87 10.36
C ALA D 157 20.13 28.84 9.26
N ARG D 158 21.25 28.21 8.89
CA ARG D 158 21.28 27.11 7.94
C ARG D 158 22.59 26.30 8.09
N PRO D 159 22.73 25.56 9.20
CA PRO D 159 23.94 24.77 9.46
C PRO D 159 24.04 23.52 8.60
N LYS D 160 25.25 23.02 8.41
CA LYS D 160 25.48 21.82 7.62
C LYS D 160 26.04 20.70 8.51
N PRO D 161 25.97 19.44 8.04
CA PRO D 161 26.48 18.30 8.83
C PRO D 161 28.01 18.22 8.92
N LYS D 162 28.49 17.42 9.86
CA LYS D 162 29.92 17.23 10.15
C LYS D 162 30.16 15.78 10.59
N PRO D 163 30.04 14.82 9.65
CA PRO D 163 30.15 13.39 9.97
C PRO D 163 31.60 12.91 10.10
N GLY D 164 31.81 11.88 10.93
CA GLY D 164 33.12 11.25 11.09
C GLY D 164 33.44 10.28 9.97
N ASP D 165 34.61 9.64 10.08
CA ASP D 165 35.08 8.69 9.07
C ASP D 165 34.37 7.34 9.20
N GLY D 166 33.20 7.24 8.57
CA GLY D 166 32.38 6.02 8.60
C GLY D 166 30.90 6.30 8.53
N GLU D 167 30.44 7.29 9.29
CA GLU D 167 29.02 7.63 9.39
C GLU D 167 28.54 8.36 8.13
N PHE D 168 27.75 7.65 7.31
CA PHE D 168 27.11 8.23 6.12
C PHE D 168 25.60 8.18 6.31
N VAL D 169 25.02 9.33 6.67
CA VAL D 169 23.58 9.46 6.97
C VAL D 169 22.90 10.45 6.02
N GLU D 170 21.56 10.41 6.04
CA GLU D 170 20.73 11.33 5.26
C GLU D 170 19.72 11.99 6.20
N VAL D 171 19.80 13.31 6.32
CA VAL D 171 18.97 14.07 7.28
C VAL D 171 17.55 14.25 6.74
N ILE D 172 16.64 13.36 7.17
CA ILE D 172 15.23 13.44 6.83
C ILE D 172 14.49 14.16 7.95
N SER D 173 13.95 15.35 7.64
CA SER D 173 13.20 16.17 8.60
C SER D 173 11.72 16.12 8.27
N LEU D 174 10.90 15.62 9.20
CA LEU D 174 9.45 15.50 9.02
C LEU D 174 8.73 16.42 9.99
N PRO D 175 7.54 16.94 9.60
CA PRO D 175 6.81 17.86 10.48
C PRO D 175 6.22 17.14 11.70
N LYS D 176 6.26 17.82 12.84
CA LYS D 176 5.79 17.28 14.12
C LYS D 176 4.28 17.03 14.12
N ASN D 177 3.53 17.98 13.58
CA ASN D 177 2.06 17.90 13.49
C ASN D 177 1.50 16.75 12.61
N ASP D 178 2.32 16.15 11.76
CA ASP D 178 1.90 15.02 10.91
C ASP D 178 3.02 13.97 10.77
N LEU D 179 3.65 13.62 11.89
CA LEU D 179 4.78 12.69 11.90
C LEU D 179 4.35 11.27 11.56
N LEU D 180 3.29 10.79 12.21
CA LEU D 180 2.81 9.41 12.03
C LEU D 180 2.45 9.10 10.58
N GLN D 181 1.69 9.99 9.95
CA GLN D 181 1.24 9.82 8.57
C GLN D 181 2.40 9.77 7.56
N ARG D 182 3.38 10.65 7.75
CA ARG D 182 4.55 10.72 6.87
C ARG D 182 5.48 9.50 7.00
N LEU D 183 5.55 8.93 8.20
CA LEU D 183 6.27 7.66 8.42
C LEU D 183 5.55 6.50 7.73
N ASP D 184 4.22 6.46 7.84
CA ASP D 184 3.40 5.46 7.12
C ASP D 184 3.57 5.59 5.62
N ALA D 185 3.62 6.84 5.14
CA ALA D 185 3.82 7.14 3.72
C ALA D 185 5.15 6.62 3.20
N LEU D 186 6.24 6.94 3.92
CA LEU D 186 7.59 6.49 3.54
C LEU D 186 7.71 4.96 3.50
N VAL D 187 7.10 4.28 4.46
CA VAL D 187 7.07 2.80 4.48
C VAL D 187 6.39 2.23 3.24
N ALA D 188 5.31 2.89 2.80
CA ALA D 188 4.54 2.45 1.62
C ALA D 188 5.09 2.80 0.22
N GLU D 189 6.12 3.62 0.13
CA GLU D 189 6.65 4.08 -1.17
C GLU D 189 8.18 4.05 -1.23
N GLU D 190 8.82 3.61 -0.16
CA GLU D 190 10.28 3.50 -0.14
C GLU D 190 10.75 2.25 0.58
N HIS D 191 11.82 1.65 0.06
CA HIS D 191 12.40 0.44 0.63
C HIS D 191 13.12 0.76 1.93
N LEU D 192 12.38 0.73 3.04
CA LEU D 192 12.97 1.05 4.36
C LEU D 192 12.10 0.53 5.52
N THR D 193 12.69 0.55 6.72
CA THR D 193 12.03 0.11 7.95
C THR D 193 12.14 1.21 9.00
N VAL D 194 10.99 1.70 9.47
CA VAL D 194 10.94 2.76 10.48
C VAL D 194 11.28 2.17 11.85
N ASP D 195 11.90 2.98 12.72
CA ASP D 195 12.31 2.53 14.05
C ASP D 195 11.13 2.51 15.04
N ALA D 196 11.19 1.57 15.99
CA ALA D 196 10.11 1.38 16.98
C ALA D 196 9.90 2.58 17.93
N ARG D 197 10.99 3.21 18.37
N ARG D 197 10.99 3.20 18.37
CA ARG D 197 10.92 4.38 19.25
CA ARG D 197 10.93 4.39 19.24
C ARG D 197 10.40 5.62 18.52
C ARG D 197 10.39 5.62 18.52
N VAL D 198 10.75 5.77 17.24
CA VAL D 198 10.25 6.88 16.40
C VAL D 198 8.74 6.72 16.14
N TYR D 199 8.32 5.49 15.85
CA TYR D 199 6.90 5.19 15.61
C TYR D 199 6.07 5.33 16.91
N SER D 200 6.61 4.86 18.03
CA SER D 200 5.97 5.05 19.34
C SER D 200 5.78 6.53 19.68
N TYR D 201 6.82 7.32 19.40
CA TYR D 201 6.77 8.78 19.60
C TYR D 201 5.68 9.42 18.73
N ALA D 202 5.64 9.02 17.46
CA ALA D 202 4.66 9.51 16.50
C ALA D 202 3.21 9.16 16.89
N LEU D 203 3.01 7.91 17.32
CA LEU D 203 1.70 7.46 17.82
C LEU D 203 1.21 8.32 18.99
N ALA D 204 2.10 8.58 19.94
CA ALA D 204 1.78 9.38 21.12
C ALA D 204 1.39 10.83 20.83
N LEU D 205 1.94 11.41 19.76
CA LEU D 205 1.54 12.76 19.33
C LEU D 205 0.07 12.83 18.94
N LYS D 206 -0.44 11.76 18.33
CA LYS D 206 -1.86 11.67 17.98
C LYS D 206 -2.73 11.31 19.19
N HIS D 207 -2.22 10.42 20.06
CA HIS D 207 -2.98 9.93 21.22
C HIS D 207 -3.14 10.92 22.37
N ALA D 208 -2.30 11.96 22.42
CA ALA D 208 -2.36 12.99 23.46
C ALA D 208 -3.72 13.70 23.56
N ASN D 209 -4.37 13.90 22.41
CA ASN D 209 -5.75 14.38 22.35
C ASN D 209 -6.65 13.35 21.66
#